data_6C29
#
_entry.id   6C29
#
_cell.length_a   69.977
_cell.length_b   97.061
_cell.length_c   110.196
_cell.angle_alpha   90.000
_cell.angle_beta   90.000
_cell.angle_gamma   90.000
#
_symmetry.space_group_name_H-M   'P 21 21 21'
#
loop_
_entity.id
_entity.type
_entity.pdbx_description
1 polymer 'Putative metal resistance protein'
2 water water
#
_entity_poly.entity_id   1
_entity_poly.type   'polypeptide(L)'
_entity_poly.pdbx_seq_one_letter_code
;SNADTGWLT(MSE)PDNDHAQVRATADKSSTGDVKILLEVQLAPGWKTYWRSPGEGGVAPEINWTQSVSD(MSE)IWHWP
SPSAFDVAGIHTQGYDKEVVFPIELKSVDSDNLNGVLTLSTCSNVCILTDYSLNLDLNEPAPADFEWQYNQA(MSE)AKV
PVTSGLISAVSSDYRNSQLTLSLQREQGDWHQPNIYLDPPQG(MSE)LYGIPQLTAKGDHLSVTVDVTDDWGDAAGDITG
KALSFVVTDDGYSRQVNDTIGQGDSASLPTADS
;
_entity_poly.pdbx_strand_id   A,B,C
#
# COMPACT_ATOMS: atom_id res chain seq x y z
N SER A 1 -9.20 -11.78 -30.36
CA SER A 1 -9.09 -12.98 -29.48
C SER A 1 -10.21 -13.04 -28.44
N ASN A 2 -10.64 -11.86 -27.96
CA ASN A 2 -11.77 -11.77 -27.03
C ASN A 2 -12.78 -10.70 -27.47
N ALA A 3 -13.97 -10.79 -26.90
CA ALA A 3 -15.02 -9.78 -27.06
C ALA A 3 -14.68 -8.62 -26.13
N ASP A 4 -13.82 -7.74 -26.61
CA ASP A 4 -13.10 -6.79 -25.77
C ASP A 4 -12.57 -5.66 -26.65
N THR A 5 -13.02 -4.43 -26.40
CA THR A 5 -12.57 -3.31 -27.19
C THR A 5 -11.14 -2.90 -26.89
N GLY A 6 -10.59 -3.35 -25.75
CA GLY A 6 -9.40 -2.74 -25.21
C GLY A 6 -9.69 -1.37 -24.66
N TRP A 7 -8.68 -0.71 -24.11
CA TRP A 7 -8.86 0.62 -23.53
C TRP A 7 -8.81 1.66 -24.63
N LEU A 8 -9.89 2.44 -24.72
CA LEU A 8 -10.07 3.41 -25.79
C LEU A 8 -9.89 4.82 -25.27
N THR A 9 -9.19 5.61 -26.05
CA THR A 9 -9.09 7.03 -25.80
C THR A 9 -9.44 7.74 -27.10
N MSE A 10 -9.86 8.97 -26.96
CA MSE A 10 -10.11 9.86 -28.09
C MSE A 10 -9.14 11.01 -28.00
O MSE A 10 -8.83 11.48 -26.87
CB MSE A 10 -11.55 10.36 -28.05
CG MSE A 10 -12.56 9.29 -28.37
SE MSE A 10 -12.40 8.77 -30.25
CE MSE A 10 -13.34 10.31 -30.97
H MSE A 10 -10.03 9.33 -26.20
HA MSE A 10 -9.97 9.38 -28.92
HB2 MSE A 10 -11.75 10.69 -27.15
HB3 MSE A 10 -11.66 11.07 -28.69
HG2 MSE A 10 -12.40 8.51 -27.82
HG3 MSE A 10 -13.46 9.62 -28.23
HE1 MSE A 10 -13.37 10.23 -31.94
HE2 MSE A 10 -14.25 10.32 -30.62
HE3 MSE A 10 -12.88 11.12 -30.71
N PRO A 11 -8.69 11.51 -29.15
CA PRO A 11 -7.63 12.52 -29.19
C PRO A 11 -7.94 13.81 -28.41
N ASP A 12 -9.20 14.20 -28.37
CA ASP A 12 -9.62 15.44 -27.73
C ASP A 12 -10.09 15.31 -26.31
N ASN A 13 -9.95 14.12 -25.76
CA ASN A 13 -10.27 13.91 -24.34
C ASN A 13 -9.12 13.22 -23.63
N ASP A 14 -8.36 13.99 -22.86
CA ASP A 14 -7.17 13.48 -22.19
C ASP A 14 -7.44 12.99 -20.78
N HIS A 15 -8.71 12.88 -20.42
CA HIS A 15 -9.06 12.58 -19.03
C HIS A 15 -10.00 11.40 -18.83
N ALA A 16 -10.28 10.67 -19.88
CA ALA A 16 -11.06 9.45 -19.76
C ALA A 16 -10.51 8.35 -20.64
N GLN A 17 -10.65 7.13 -20.18
CA GLN A 17 -10.42 5.95 -20.99
C GLN A 17 -11.63 5.04 -20.77
N VAL A 18 -12.06 4.33 -21.82
CA VAL A 18 -13.18 3.41 -21.67
CA VAL A 18 -13.24 3.49 -21.80
C VAL A 18 -12.88 2.08 -22.30
N ARG A 19 -13.51 1.04 -21.77
CA ARG A 19 -13.34 -0.32 -22.26
C ARG A 19 -14.64 -1.05 -22.15
N ALA A 20 -15.03 -1.77 -23.20
CA ALA A 20 -16.20 -2.63 -23.16
C ALA A 20 -15.83 -4.07 -23.43
N THR A 21 -16.44 -4.96 -22.68
CA THR A 21 -16.29 -6.40 -22.86
C THR A 21 -17.67 -7.03 -22.85
N ALA A 22 -17.81 -8.19 -23.45
CA ALA A 22 -19.14 -8.76 -23.58
C ALA A 22 -19.13 -10.26 -23.72
N ASP A 23 -20.28 -10.85 -23.38
CA ASP A 23 -20.53 -12.28 -23.51
C ASP A 23 -21.92 -12.48 -24.06
N LYS A 24 -22.05 -13.33 -25.10
CA LYS A 24 -23.34 -13.64 -25.65
C LYS A 24 -23.65 -15.08 -25.30
N SER A 25 -24.83 -15.28 -24.72
CA SER A 25 -25.27 -16.61 -24.35
C SER A 25 -25.89 -17.33 -25.55
N SER A 26 -26.10 -18.64 -25.40
CA SER A 26 -26.68 -19.44 -26.47
C SER A 26 -28.08 -18.94 -26.86
N THR A 27 -28.76 -18.28 -25.93
CA THR A 27 -30.10 -17.77 -26.18
C THR A 27 -30.09 -16.41 -26.90
N GLY A 28 -28.90 -15.83 -27.08
CA GLY A 28 -28.75 -14.59 -27.82
C GLY A 28 -28.78 -13.34 -26.95
N ASP A 29 -28.80 -13.54 -25.64
CA ASP A 29 -28.73 -12.44 -24.67
C ASP A 29 -27.29 -12.02 -24.46
N VAL A 30 -27.03 -10.71 -24.45
CA VAL A 30 -25.69 -10.20 -24.33
C VAL A 30 -25.53 -9.46 -23.00
N LYS A 31 -24.45 -9.77 -22.29
CA LYS A 31 -24.01 -9.01 -21.12
C LYS A 31 -22.80 -8.21 -21.54
N ILE A 32 -22.80 -6.93 -21.18
CA ILE A 32 -21.74 -5.98 -21.52
C ILE A 32 -21.29 -5.30 -20.24
N LEU A 33 -19.98 -5.14 -20.07
CA LEU A 33 -19.42 -4.31 -19.02
C LEU A 33 -18.76 -3.15 -19.65
N LEU A 34 -19.18 -1.96 -19.28
CA LEU A 34 -18.58 -0.72 -19.76
C LEU A 34 -17.77 -0.10 -18.63
N GLU A 35 -16.45 -0.13 -18.72
CA GLU A 35 -15.56 0.44 -17.71
C GLU A 35 -15.18 1.85 -18.15
N VAL A 36 -15.23 2.78 -17.20
CA VAL A 36 -14.83 4.15 -17.41
C VAL A 36 -13.82 4.54 -16.36
N GLN A 37 -12.65 4.97 -16.81
N GLN A 37 -12.62 4.95 -16.80
CA GLN A 37 -11.62 5.45 -15.91
CA GLN A 37 -11.54 5.42 -15.93
C GLN A 37 -11.49 6.94 -16.15
C GLN A 37 -11.34 6.91 -16.15
N LEU A 38 -11.38 7.70 -15.08
CA LEU A 38 -11.34 9.15 -15.16
C LEU A 38 -10.09 9.72 -14.52
N ALA A 39 -9.51 10.74 -15.14
CA ALA A 39 -8.44 11.48 -14.47
C ALA A 39 -8.90 12.30 -13.27
N PRO A 40 -7.97 12.63 -12.36
CA PRO A 40 -8.36 13.40 -11.18
C PRO A 40 -9.06 14.69 -11.53
N GLY A 41 -10.14 14.96 -10.79
CA GLY A 41 -10.94 16.14 -10.95
C GLY A 41 -12.08 15.98 -11.92
N TRP A 42 -12.14 14.88 -12.67
CA TRP A 42 -13.19 14.66 -13.64
C TRP A 42 -14.15 13.57 -13.13
N LYS A 43 -15.43 13.81 -13.36
CA LYS A 43 -16.51 12.91 -12.99
C LYS A 43 -17.38 12.56 -14.18
N THR A 44 -18.16 11.49 -14.07
CA THR A 44 -19.25 11.30 -15.00
C THR A 44 -20.52 11.25 -14.18
N TYR A 45 -21.64 11.08 -14.87
CA TYR A 45 -22.94 11.33 -14.27
C TYR A 45 -23.79 10.10 -14.11
N TRP A 46 -24.70 10.21 -13.16
CA TRP A 46 -25.74 9.23 -12.93
C TRP A 46 -26.88 9.43 -13.91
N ARG A 47 -27.89 8.57 -13.82
CA ARG A 47 -29.03 8.69 -14.74
C ARG A 47 -29.80 10.00 -14.56
N SER A 48 -29.79 10.56 -13.35
CA SER A 48 -30.30 11.89 -13.03
C SER A 48 -29.12 12.74 -12.62
N PRO A 49 -28.58 13.49 -13.55
CA PRO A 49 -27.27 14.10 -13.32
C PRO A 49 -27.30 15.31 -12.42
N GLY A 50 -28.47 15.92 -12.28
CA GLY A 50 -28.61 17.21 -11.66
C GLY A 50 -28.55 18.30 -12.72
N GLU A 51 -28.81 19.53 -12.30
CA GLU A 51 -28.78 20.66 -13.21
C GLU A 51 -27.44 20.76 -13.98
N GLY A 52 -27.51 20.95 -15.30
CA GLY A 52 -26.32 21.17 -16.11
C GLY A 52 -25.61 19.94 -16.65
N GLY A 53 -25.96 18.77 -16.14
CA GLY A 53 -25.27 17.55 -16.56
C GLY A 53 -26.04 16.75 -17.59
N VAL A 54 -25.42 15.70 -18.10
CA VAL A 54 -26.01 14.81 -19.09
C VAL A 54 -25.65 13.37 -18.73
N ALA A 55 -26.62 12.48 -18.66
CA ALA A 55 -26.33 11.07 -18.36
C ALA A 55 -25.58 10.44 -19.53
N PRO A 56 -24.58 9.59 -19.23
CA PRO A 56 -23.95 8.83 -20.34
C PRO A 56 -24.96 7.90 -20.99
N GLU A 57 -24.77 7.63 -22.28
CA GLU A 57 -25.66 6.71 -22.98
C GLU A 57 -24.94 6.04 -24.14
N ILE A 58 -25.47 4.91 -24.60
CA ILE A 58 -24.96 4.23 -25.78
C ILE A 58 -26.09 4.11 -26.78
N ASN A 59 -25.76 4.41 -28.03
CA ASN A 59 -26.66 4.15 -29.15
C ASN A 59 -26.05 3.06 -30.00
N TRP A 60 -26.73 1.92 -30.06
CA TRP A 60 -26.27 0.76 -30.82
C TRP A 60 -26.75 0.87 -32.25
N THR A 61 -25.89 0.46 -33.17
CA THR A 61 -26.22 0.37 -34.59
C THR A 61 -27.25 -0.74 -34.83
N GLN A 62 -27.04 -1.88 -34.19
CA GLN A 62 -27.94 -3.02 -34.33
C GLN A 62 -29.26 -2.71 -33.64
N SER A 63 -30.34 -3.33 -34.11
CA SER A 63 -31.57 -3.27 -33.35
C SER A 63 -31.39 -4.21 -32.17
N VAL A 64 -31.66 -3.68 -30.99
CA VAL A 64 -31.60 -4.45 -29.77
C VAL A 64 -32.95 -4.23 -29.15
N SER A 65 -33.33 -5.04 -28.19
CA SER A 65 -34.67 -4.91 -27.66
C SER A 65 -34.63 -4.42 -26.22
N ASP A 66 -34.88 -5.29 -25.26
CA ASP A 66 -34.90 -4.88 -23.87
C ASP A 66 -33.51 -4.54 -23.31
N MSE A 67 -32.93 -3.39 -23.67
CA MSE A 67 -31.67 -2.98 -23.05
CA MSE A 67 -31.69 -2.97 -23.05
C MSE A 67 -31.95 -2.59 -21.60
O MSE A 67 -32.87 -1.84 -21.31
CB MSE A 67 -30.99 -1.79 -23.75
CB MSE A 67 -31.06 -1.81 -23.82
CG MSE A 67 -29.99 -1.02 -22.82
CG MSE A 67 -29.79 -1.26 -23.18
SE MSE A 67 -28.35 -0.23 -23.60
SE MSE A 67 -30.12 0.26 -22.01
CE MSE A 67 -28.95 1.62 -23.82
CE MSE A 67 -30.51 1.64 -23.35
H MSE A 67 -33.25 -2.85 -24.25
HA MSE A 67 -31.06 -3.72 -23.07
HB2 MSE A 67 -30.50 -2.11 -24.52
HB2 MSE A 67 -30.84 -2.11 -24.72
HB3 MSE A 67 -31.68 -1.16 -24.04
HB3 MSE A 67 -31.70 -1.09 -23.86
HG2 MSE A 67 -30.46 -0.30 -22.39
HG2 MSE A 67 -29.38 -1.96 -22.65
HG3 MSE A 67 -29.69 -1.64 -22.13
HG3 MSE A 67 -29.19 -0.99 -23.89
HE1 MSE A 67 -29.72 1.62 -24.41
HE1 MSE A 67 -29.74 1.75 -23.93
HE2 MSE A 67 -29.20 1.97 -22.95
HE2 MSE A 67 -31.28 1.37 -23.87
HE3 MSE A 67 -28.23 2.14 -24.20
HE3 MSE A 67 -30.69 2.48 -22.89
N ILE A 68 -31.14 -3.15 -20.70
CA ILE A 68 -31.12 -2.77 -19.29
C ILE A 68 -29.73 -2.19 -18.99
N TRP A 69 -29.71 -0.94 -18.53
CA TRP A 69 -28.49 -0.28 -18.08
C TRP A 69 -28.55 -0.21 -16.56
N HIS A 70 -27.66 -0.93 -15.91
CA HIS A 70 -27.67 -0.98 -14.46
C HIS A 70 -26.78 0.14 -13.97
N TRP A 71 -27.30 0.95 -13.07
CA TRP A 71 -26.57 2.10 -12.57
C TRP A 71 -25.97 1.83 -11.21
N PRO A 72 -24.66 1.83 -11.09
CA PRO A 72 -24.05 1.70 -9.78
C PRO A 72 -24.50 2.81 -8.87
N SER A 73 -24.51 2.52 -7.58
CA SER A 73 -24.96 3.49 -6.62
C SER A 73 -24.15 4.78 -6.79
N PRO A 74 -24.80 5.95 -6.89
CA PRO A 74 -24.06 7.18 -7.21
C PRO A 74 -23.51 7.90 -6.00
N SER A 75 -22.77 8.96 -6.27
CA SER A 75 -22.30 9.88 -5.26
C SER A 75 -22.77 11.29 -5.61
N ALA A 76 -22.70 12.20 -4.64
CA ALA A 76 -23.07 13.58 -4.86
C ALA A 76 -21.86 14.47 -4.74
N PHE A 77 -21.85 15.52 -5.54
CA PHE A 77 -20.74 16.46 -5.55
C PHE A 77 -21.28 17.88 -5.57
N ASP A 78 -20.54 18.80 -4.93
CA ASP A 78 -20.89 20.22 -4.92
C ASP A 78 -19.70 21.07 -5.36
N VAL A 79 -18.99 20.58 -6.38
CA VAL A 79 -17.79 21.22 -6.93
C VAL A 79 -18.12 22.40 -7.84
N ALA A 80 -17.36 23.48 -7.72
CA ALA A 80 -17.53 24.64 -8.60
C ALA A 80 -18.92 25.28 -8.46
N GLY A 81 -19.50 25.14 -7.27
CA GLY A 81 -20.80 25.74 -6.95
C GLY A 81 -22.00 25.07 -7.62
N ILE A 82 -21.80 23.85 -8.12
CA ILE A 82 -22.82 23.07 -8.85
C ILE A 82 -23.17 21.74 -8.15
N HIS A 83 -24.44 21.48 -7.83
CA HIS A 83 -24.83 20.17 -7.29
C HIS A 83 -25.09 19.12 -8.38
N THR A 84 -24.40 18.00 -8.28
CA THR A 84 -24.50 16.93 -9.28
C THR A 84 -24.50 15.53 -8.66
N GLN A 85 -25.04 14.57 -9.40
CA GLN A 85 -25.07 13.17 -8.98
C GLN A 85 -24.31 12.34 -10.03
N GLY A 86 -23.34 11.54 -9.59
CA GLY A 86 -22.52 10.81 -10.53
C GLY A 86 -21.40 10.06 -9.86
N TYR A 87 -20.28 9.96 -10.57
CA TYR A 87 -19.20 9.08 -10.21
C TYR A 87 -17.87 9.76 -10.39
N ASP A 88 -16.96 9.55 -9.45
CA ASP A 88 -15.58 9.98 -9.68
C ASP A 88 -14.63 8.81 -9.67
N LYS A 89 -13.45 9.06 -10.22
CA LYS A 89 -12.33 8.11 -10.28
C LYS A 89 -12.56 7.02 -11.33
N GLU A 90 -13.58 6.21 -11.15
CA GLU A 90 -13.88 5.12 -12.05
C GLU A 90 -15.25 4.56 -11.76
N VAL A 91 -15.89 4.05 -12.79
CA VAL A 91 -17.18 3.43 -12.65
C VAL A 91 -17.30 2.33 -13.70
N VAL A 92 -18.03 1.26 -13.39
CA VAL A 92 -18.29 0.16 -14.33
C VAL A 92 -19.78 -0.07 -14.46
N PHE A 93 -20.32 0.09 -15.66
CA PHE A 93 -21.73 -0.08 -15.93
C PHE A 93 -22.01 -1.47 -16.49
N PRO A 94 -22.74 -2.31 -15.74
CA PRO A 94 -23.27 -3.55 -16.33
C PRO A 94 -24.50 -3.27 -17.18
N ILE A 95 -24.52 -3.82 -18.38
CA ILE A 95 -25.56 -3.63 -19.36
C ILE A 95 -26.00 -5.01 -19.85
N GLU A 96 -27.30 -5.15 -20.12
CA GLU A 96 -27.86 -6.38 -20.66
CA GLU A 96 -27.82 -6.38 -20.68
C GLU A 96 -28.68 -6.04 -21.89
N LEU A 97 -28.54 -6.86 -22.94
CA LEU A 97 -29.27 -6.70 -24.20
C LEU A 97 -29.88 -8.05 -24.56
N LYS A 98 -31.08 -8.01 -25.12
CA LYS A 98 -31.75 -9.20 -25.67
C LYS A 98 -31.96 -9.09 -27.17
N SER A 99 -32.11 -10.23 -27.82
CA SER A 99 -32.41 -10.30 -29.25
C SER A 99 -31.39 -9.58 -30.11
N VAL A 100 -30.11 -9.86 -29.86
CA VAL A 100 -29.08 -9.43 -30.76
C VAL A 100 -28.99 -10.49 -31.84
N ASP A 101 -29.38 -10.15 -33.07
CA ASP A 101 -29.40 -11.15 -34.13
C ASP A 101 -28.04 -11.34 -34.80
N SER A 102 -27.08 -10.53 -34.40
CA SER A 102 -25.79 -10.46 -35.07
C SER A 102 -24.69 -10.98 -34.16
N ASP A 103 -23.58 -11.39 -34.76
CA ASP A 103 -22.42 -11.83 -34.00
C ASP A 103 -21.56 -10.61 -33.68
N ASN A 104 -21.93 -9.46 -34.23
CA ASN A 104 -21.24 -8.23 -33.99
C ASN A 104 -22.14 -7.21 -33.31
N LEU A 105 -21.56 -6.47 -32.39
CA LEU A 105 -22.28 -5.43 -31.71
C LEU A 105 -21.45 -4.18 -31.83
N ASN A 106 -22.04 -3.16 -32.43
CA ASN A 106 -21.39 -1.89 -32.64
C ASN A 106 -22.24 -0.83 -32.03
N GLY A 107 -21.62 0.04 -31.27
CA GLY A 107 -22.36 1.13 -30.66
C GLY A 107 -21.49 2.36 -30.51
N VAL A 108 -22.15 3.48 -30.23
CA VAL A 108 -21.45 4.72 -29.91
C VAL A 108 -21.86 5.16 -28.52
N LEU A 109 -20.89 5.19 -27.62
CA LEU A 109 -21.05 5.72 -26.29
C LEU A 109 -20.85 7.22 -26.32
N THR A 110 -21.85 8.01 -25.93
CA THR A 110 -21.66 9.44 -25.70
C THR A 110 -21.38 9.59 -24.21
N LEU A 111 -20.11 9.74 -23.87
CA LEU A 111 -19.68 9.84 -22.51
C LEU A 111 -19.67 11.29 -22.08
N SER A 112 -20.39 11.59 -21.00
CA SER A 112 -20.31 12.89 -20.40
C SER A 112 -19.30 12.89 -19.26
N THR A 113 -18.43 13.88 -19.25
CA THR A 113 -17.48 14.04 -18.17
C THR A 113 -17.57 15.48 -17.73
N CYS A 114 -17.27 15.71 -16.48
CA CYS A 114 -17.39 17.04 -15.91
CA CYS A 114 -17.34 17.07 -15.98
C CYS A 114 -16.28 17.40 -14.95
N SER A 115 -15.77 18.61 -15.08
CA SER A 115 -14.89 19.13 -14.07
CA SER A 115 -14.89 19.16 -14.08
C SER A 115 -15.62 20.38 -13.53
N ASN A 116 -15.57 21.46 -14.28
CA ASN A 116 -16.47 22.60 -14.10
C ASN A 116 -17.28 22.89 -15.36
N VAL A 117 -17.00 22.13 -16.41
CA VAL A 117 -17.69 22.16 -17.70
C VAL A 117 -18.06 20.73 -17.94
N CYS A 118 -19.16 20.50 -18.64
CA CYS A 118 -19.59 19.19 -19.04
C CYS A 118 -19.13 18.99 -20.47
N ILE A 119 -18.31 17.97 -20.67
CA ILE A 119 -17.81 17.63 -22.00
C ILE A 119 -18.50 16.35 -22.47
N LEU A 120 -18.94 16.33 -23.73
CA LEU A 120 -19.49 15.14 -24.37
C LEU A 120 -18.51 14.59 -25.39
N THR A 121 -18.17 13.31 -25.24
CA THR A 121 -17.19 12.63 -26.09
C THR A 121 -17.80 11.34 -26.60
N ASP A 122 -17.67 11.08 -27.89
CA ASP A 122 -18.15 9.83 -28.48
C ASP A 122 -17.04 8.78 -28.56
N TYR A 123 -17.33 7.57 -28.12
CA TYR A 123 -16.45 6.41 -28.21
C TYR A 123 -17.12 5.32 -29.03
N SER A 124 -16.45 4.80 -30.05
CA SER A 124 -17.01 3.75 -30.86
CA SER A 124 -17.00 3.75 -30.88
C SER A 124 -16.65 2.41 -30.27
N LEU A 125 -17.68 1.66 -29.88
CA LEU A 125 -17.53 0.35 -29.26
C LEU A 125 -17.83 -0.72 -30.30
N ASN A 126 -16.83 -1.51 -30.65
CA ASN A 126 -16.99 -2.59 -31.60
C ASN A 126 -16.65 -3.91 -30.93
N LEU A 127 -17.65 -4.77 -30.84
CA LEU A 127 -17.54 -6.05 -30.12
C LEU A 127 -17.82 -7.22 -31.05
N ASP A 128 -16.89 -8.19 -31.07
CA ASP A 128 -17.06 -9.41 -31.85
C ASP A 128 -17.53 -10.52 -30.92
N LEU A 129 -18.82 -10.81 -30.97
CA LEU A 129 -19.42 -11.73 -30.00
C LEU A 129 -19.15 -13.20 -30.33
N ASN A 130 -18.42 -13.46 -31.42
CA ASN A 130 -17.97 -14.81 -31.72
C ASN A 130 -16.68 -15.15 -30.99
N GLU A 131 -16.05 -14.12 -30.42
CA GLU A 131 -14.88 -14.30 -29.59
C GLU A 131 -15.33 -14.48 -28.14
N PRO A 132 -14.59 -15.27 -27.37
CA PRO A 132 -14.93 -15.50 -25.97
C PRO A 132 -14.75 -14.26 -25.12
N ALA A 133 -15.63 -14.10 -24.14
CA ALA A 133 -15.46 -13.07 -23.13
C ALA A 133 -14.12 -13.28 -22.44
N PRO A 134 -13.51 -12.20 -21.93
CA PRO A 134 -12.27 -12.40 -21.18
C PRO A 134 -12.45 -13.39 -20.03
N ALA A 135 -11.35 -13.97 -19.58
CA ALA A 135 -11.40 -15.06 -18.60
C ALA A 135 -12.17 -14.71 -17.33
N ASP A 136 -11.99 -13.49 -16.83
CA ASP A 136 -12.65 -13.16 -15.58
C ASP A 136 -13.84 -12.25 -15.75
N PHE A 137 -14.52 -12.40 -16.89
CA PHE A 137 -15.70 -11.57 -17.18
C PHE A 137 -16.81 -11.75 -16.14
N GLU A 138 -17.13 -12.99 -15.78
CA GLU A 138 -18.25 -13.28 -14.86
C GLU A 138 -17.95 -12.66 -13.48
N TRP A 139 -16.71 -12.77 -13.03
CA TRP A 139 -16.29 -12.14 -11.78
C TRP A 139 -16.39 -10.63 -11.88
N GLN A 140 -15.88 -10.04 -12.97
CA GLN A 140 -15.98 -8.60 -13.15
C GLN A 140 -17.44 -8.18 -13.17
N TYR A 141 -18.30 -8.95 -13.82
CA TYR A 141 -19.72 -8.59 -13.92
C TYR A 141 -20.36 -8.63 -12.52
N ASN A 142 -20.09 -9.67 -11.75
CA ASN A 142 -20.65 -9.78 -10.42
C ASN A 142 -20.12 -8.70 -9.48
N GLN A 143 -18.85 -8.38 -9.59
CA GLN A 143 -18.29 -7.28 -8.82
C GLN A 143 -19.00 -5.97 -9.13
N ALA A 144 -19.31 -5.73 -10.40
CA ALA A 144 -20.00 -4.53 -10.81
C ALA A 144 -21.45 -4.51 -10.33
N MSE A 145 -22.13 -5.65 -10.48
CA MSE A 145 -23.51 -5.75 -10.04
C MSE A 145 -23.65 -5.57 -8.55
O MSE A 145 -24.69 -5.05 -8.09
CB MSE A 145 -24.10 -7.10 -10.43
CG MSE A 145 -24.44 -7.24 -11.87
SE MSE A 145 -25.83 -6.02 -12.51
CE MSE A 145 -27.26 -6.36 -11.27
H MSE A 145 -21.81 -6.37 -10.82
HA MSE A 145 -24.03 -5.07 -10.49
HB2 MSE A 145 -23.46 -7.80 -10.21
HB3 MSE A 145 -24.92 -7.23 -9.92
HG2 MSE A 145 -23.65 -7.07 -12.39
HG3 MSE A 145 -24.76 -8.14 -12.03
HE1 MSE A 145 -28.01 -5.80 -11.50
HE2 MSE A 145 -27.51 -7.30 -11.32
HE3 MSE A 145 -26.95 -6.16 -10.37
N ALA A 146 -22.66 -5.94 -7.79
CA ALA A 146 -22.71 -5.80 -6.34
C ALA A 146 -22.85 -4.33 -5.92
N LYS A 147 -22.47 -3.42 -6.80
CA LYS A 147 -22.50 -1.99 -6.50
CA LYS A 147 -22.51 -1.99 -6.50
C LYS A 147 -23.81 -1.33 -6.94
N VAL A 148 -24.69 -2.10 -7.58
CA VAL A 148 -25.97 -1.59 -8.06
C VAL A 148 -27.03 -1.67 -6.96
N PRO A 149 -27.81 -0.59 -6.76
CA PRO A 149 -28.86 -0.66 -5.74
C PRO A 149 -29.85 -1.79 -5.97
N VAL A 150 -30.34 -2.37 -4.87
CA VAL A 150 -31.35 -3.44 -4.93
C VAL A 150 -32.68 -2.92 -4.50
N THR A 151 -33.74 -3.69 -4.76
CA THR A 151 -35.10 -3.16 -4.59
C THR A 151 -35.73 -3.69 -3.30
N SER A 152 -34.96 -4.32 -2.46
CA SER A 152 -35.46 -4.69 -1.14
C SER A 152 -34.39 -4.47 -0.10
N GLY A 153 -34.83 -4.46 1.15
CA GLY A 153 -33.98 -4.24 2.29
C GLY A 153 -33.81 -2.76 2.62
N LEU A 154 -33.09 -2.57 3.71
CA LEU A 154 -32.76 -1.25 4.29
C LEU A 154 -33.97 -0.47 4.81
N ILE A 155 -34.99 -0.26 4.00
CA ILE A 155 -36.16 0.48 4.48
C ILE A 155 -37.39 -0.41 4.55
N SER A 156 -38.23 -0.12 5.53
CA SER A 156 -39.48 -0.87 5.70
C SER A 156 -40.75 -0.04 5.44
N ALA A 157 -40.62 1.28 5.35
CA ALA A 157 -41.75 2.14 5.02
C ALA A 157 -41.26 3.47 4.46
N VAL A 158 -42.07 4.01 3.55
CA VAL A 158 -41.83 5.30 2.94
C VAL A 158 -43.13 6.08 2.88
N SER A 159 -43.09 7.35 3.28
CA SER A 159 -44.19 8.25 3.03
CA SER A 159 -44.19 8.27 3.10
C SER A 159 -43.62 9.56 2.53
N SER A 160 -44.45 10.31 1.84
CA SER A 160 -44.02 11.58 1.32
C SER A 160 -45.16 12.56 1.19
N ASP A 161 -44.78 13.81 1.13
CA ASP A 161 -45.73 14.91 1.02
C ASP A 161 -45.09 16.02 0.22
N TYR A 162 -45.90 16.74 -0.52
CA TYR A 162 -45.41 17.88 -1.28
C TYR A 162 -46.29 19.08 -1.12
N ARG A 163 -45.70 20.20 -0.73
CA ARG A 163 -46.41 21.47 -0.59
C ARG A 163 -45.39 22.61 -0.54
N ASN A 164 -45.80 23.79 -0.98
CA ASN A 164 -44.92 24.96 -0.98
C ASN A 164 -43.61 24.70 -1.71
N SER A 165 -43.67 23.98 -2.84
CA SER A 165 -42.51 23.64 -3.66
C SER A 165 -41.42 22.90 -2.90
N GLN A 166 -41.84 22.11 -1.90
CA GLN A 166 -40.93 21.35 -1.06
C GLN A 166 -41.43 19.91 -0.89
N LEU A 167 -40.57 18.96 -1.23
CA LEU A 167 -40.84 17.54 -1.04
C LEU A 167 -40.32 17.09 0.28
N THR A 168 -41.15 16.41 1.07
CA THR A 168 -40.69 15.83 2.32
CA THR A 168 -40.71 15.83 2.33
C THR A 168 -40.91 14.33 2.30
N LEU A 169 -39.91 13.58 2.77
CA LEU A 169 -39.96 12.14 2.89
C LEU A 169 -39.76 11.70 4.32
N SER A 170 -40.41 10.58 4.66
CA SER A 170 -40.21 9.93 5.93
CA SER A 170 -40.21 9.92 5.93
C SER A 170 -39.91 8.48 5.64
N LEU A 171 -38.74 8.02 6.07
CA LEU A 171 -38.23 6.69 5.75
C LEU A 171 -37.91 5.94 7.02
N GLN A 172 -38.45 4.74 7.14
CA GLN A 172 -38.20 3.91 8.30
C GLN A 172 -37.18 2.84 7.98
N ARG A 173 -36.14 2.75 8.81
CA ARG A 173 -35.14 1.72 8.63
C ARG A 173 -35.73 0.38 9.03
N GLU A 174 -35.47 -0.67 8.24
CA GLU A 174 -36.08 -1.99 8.49
C GLU A 174 -35.60 -2.58 9.80
N GLN A 175 -34.29 -2.55 9.97
CA GLN A 175 -33.60 -3.05 11.13
C GLN A 175 -32.53 -2.06 11.59
N GLY A 176 -32.50 -1.81 12.89
CA GLY A 176 -31.50 -0.93 13.46
C GLY A 176 -31.78 0.55 13.23
N ASP A 177 -30.74 1.34 13.47
CA ASP A 177 -30.80 2.78 13.38
C ASP A 177 -30.05 3.30 12.17
N TRP A 178 -30.42 4.50 11.71
CA TRP A 178 -29.65 5.17 10.67
C TRP A 178 -28.31 5.63 11.20
N HIS A 179 -27.25 5.51 10.40
CA HIS A 179 -25.91 5.89 10.80
C HIS A 179 -25.35 7.05 9.99
N GLN A 180 -25.14 6.83 8.70
CA GLN A 180 -24.66 7.87 7.81
CA GLN A 180 -24.72 7.93 7.84
C GLN A 180 -25.37 7.78 6.48
N PRO A 181 -26.67 8.06 6.45
CA PRO A 181 -27.42 7.90 5.21
C PRO A 181 -27.14 8.95 4.18
N ASN A 182 -27.34 8.54 2.93
CA ASN A 182 -27.36 9.46 1.81
C ASN A 182 -28.58 9.12 0.98
N ILE A 183 -29.04 10.10 0.23
CA ILE A 183 -30.14 9.91 -0.71
C ILE A 183 -29.84 10.63 -2.02
N TYR A 184 -30.23 9.97 -3.11
CA TYR A 184 -30.02 10.41 -4.48
C TYR A 184 -31.33 10.29 -5.19
N LEU A 185 -31.87 11.41 -5.66
CA LEU A 185 -33.24 11.42 -6.21
C LEU A 185 -33.28 11.64 -7.71
N ASP A 186 -34.28 11.01 -8.35
CA ASP A 186 -34.62 11.21 -9.75
C ASP A 186 -35.79 12.20 -9.85
N PRO A 187 -35.56 13.42 -10.34
CA PRO A 187 -36.68 14.37 -10.44
C PRO A 187 -37.62 14.04 -11.59
N PRO A 188 -38.90 14.39 -11.43
CA PRO A 188 -39.80 14.25 -12.59
C PRO A 188 -39.36 15.15 -13.72
N GLN A 189 -39.77 14.78 -14.93
CA GLN A 189 -39.46 15.57 -16.11
C GLN A 189 -39.89 17.01 -15.91
N GLY A 190 -38.98 17.93 -16.19
CA GLY A 190 -39.28 19.33 -16.10
C GLY A 190 -38.94 19.93 -14.74
N MSE A 191 -38.61 19.07 -13.77
CA MSE A 191 -38.37 19.51 -12.40
C MSE A 191 -36.90 19.40 -12.00
O MSE A 191 -36.17 18.55 -12.51
CB MSE A 191 -39.21 18.72 -11.41
CG MSE A 191 -40.67 18.64 -11.75
SE MSE A 191 -41.49 20.41 -11.74
CE MSE A 191 -43.23 19.90 -12.47
H MSE A 191 -38.52 18.22 -13.89
HA MSE A 191 -38.65 20.45 -12.34
HB2 MSE A 191 -38.87 17.81 -11.38
HB3 MSE A 191 -39.13 19.13 -10.53
HG2 MSE A 191 -40.77 18.26 -12.63
HG3 MSE A 191 -41.13 18.09 -11.09
HE1 MSE A 191 -43.79 20.68 -12.55
HE2 MSE A 191 -43.10 19.50 -13.35
HE3 MSE A 191 -43.64 19.24 -11.88
N LEU A 192 -36.50 20.30 -11.09
CA LEU A 192 -35.19 20.26 -10.49
C LEU A 192 -35.34 20.06 -9.00
N TYR A 193 -34.49 19.18 -8.45
CA TYR A 193 -34.41 19.00 -7.00
C TYR A 193 -33.17 19.66 -6.43
N GLY A 194 -33.31 20.32 -5.31
CA GLY A 194 -32.16 20.86 -4.61
C GLY A 194 -31.41 19.81 -3.81
N ILE A 195 -30.43 20.27 -3.00
CA ILE A 195 -29.62 19.39 -2.15
C ILE A 195 -30.52 18.84 -1.03
N PRO A 196 -30.65 17.51 -0.93
CA PRO A 196 -31.50 16.93 0.12
C PRO A 196 -30.99 17.27 1.50
N GLN A 197 -31.90 17.63 2.41
CA GLN A 197 -31.56 17.84 3.83
C GLN A 197 -32.06 16.67 4.66
N LEU A 198 -31.14 15.96 5.30
CA LEU A 198 -31.43 14.74 6.02
C LEU A 198 -31.29 14.92 7.52
N THR A 199 -32.27 14.42 8.25
CA THR A 199 -32.27 14.37 9.70
C THR A 199 -32.70 13.02 10.16
N ALA A 200 -31.89 12.35 10.98
CA ALA A 200 -32.25 11.02 11.46
C ALA A 200 -32.21 10.91 12.97
N LYS A 201 -33.16 10.16 13.51
CA LYS A 201 -33.16 9.77 14.92
C LYS A 201 -33.69 8.36 15.04
N GLY A 202 -32.88 7.50 15.62
CA GLY A 202 -33.25 6.09 15.69
C GLY A 202 -33.50 5.55 14.30
N ASP A 203 -34.63 4.87 14.10
CA ASP A 203 -34.94 4.26 12.80
C ASP A 203 -35.67 5.18 11.84
N HIS A 204 -35.79 6.46 12.19
CA HIS A 204 -36.53 7.42 11.40
C HIS A 204 -35.61 8.40 10.69
N LEU A 205 -35.78 8.48 9.37
CA LEU A 205 -35.07 9.43 8.54
C LEU A 205 -36.03 10.39 7.85
N SER A 206 -35.84 11.68 8.08
CA SER A 206 -36.63 12.71 7.43
CA SER A 206 -36.62 12.73 7.44
C SER A 206 -35.77 13.39 6.37
N VAL A 207 -36.36 13.64 5.21
CA VAL A 207 -35.69 14.29 4.11
C VAL A 207 -36.52 15.44 3.60
N THR A 208 -35.91 16.59 3.39
CA THR A 208 -36.56 17.73 2.77
CA THR A 208 -36.60 17.67 2.72
C THR A 208 -35.79 18.10 1.51
N VAL A 209 -36.50 18.34 0.41
CA VAL A 209 -35.90 18.70 -0.88
C VAL A 209 -36.68 19.88 -1.48
N ASP A 210 -35.99 20.99 -1.78
CA ASP A 210 -36.62 22.10 -2.49
C ASP A 210 -36.78 21.73 -3.97
N VAL A 211 -37.92 22.07 -4.52
CA VAL A 211 -38.23 21.76 -5.91
C VAL A 211 -38.46 23.02 -6.74
N THR A 212 -37.92 23.04 -7.96
CA THR A 212 -38.23 24.09 -8.90
C THR A 212 -38.52 23.51 -10.28
N ASP A 213 -39.08 24.33 -11.18
CA ASP A 213 -39.17 23.94 -12.57
C ASP A 213 -37.81 24.12 -13.21
N ASP A 214 -37.72 23.85 -14.52
CA ASP A 214 -36.44 23.89 -15.22
C ASP A 214 -35.79 25.27 -15.24
N TRP A 215 -36.53 26.31 -14.84
CA TRP A 215 -35.98 27.67 -14.90
C TRP A 215 -35.73 28.29 -13.52
N GLY A 216 -35.85 27.50 -12.46
CA GLY A 216 -35.48 27.93 -11.13
C GLY A 216 -36.59 28.60 -10.33
N ASP A 217 -37.80 28.65 -10.89
CA ASP A 217 -38.93 29.21 -10.18
C ASP A 217 -39.68 28.13 -9.42
N ALA A 218 -40.54 28.56 -8.49
CA ALA A 218 -41.30 27.64 -7.64
C ALA A 218 -42.00 26.62 -8.50
N ALA A 219 -41.84 25.35 -8.15
CA ALA A 219 -42.42 24.29 -8.96
C ALA A 219 -43.92 24.21 -8.78
N GLY A 220 -44.59 23.74 -9.82
CA GLY A 220 -46.02 23.45 -9.75
C GLY A 220 -46.25 22.20 -8.92
N ASP A 221 -47.46 21.67 -8.97
CA ASP A 221 -47.80 20.50 -8.17
C ASP A 221 -47.24 19.24 -8.80
N ILE A 222 -46.39 18.55 -8.05
CA ILE A 222 -45.85 17.26 -8.50
C ILE A 222 -46.44 16.08 -7.73
N THR A 223 -47.46 16.32 -6.92
CA THR A 223 -48.15 15.24 -6.23
C THR A 223 -48.62 14.22 -7.25
N GLY A 224 -48.43 12.93 -6.99
CA GLY A 224 -48.84 11.89 -7.93
C GLY A 224 -47.77 11.49 -8.95
N LYS A 225 -46.71 12.29 -9.07
CA LYS A 225 -45.59 11.96 -9.95
C LYS A 225 -44.70 10.90 -9.30
N ALA A 226 -43.79 10.32 -10.09
CA ALA A 226 -42.94 9.24 -9.60
C ALA A 226 -41.98 9.74 -8.53
N LEU A 227 -41.88 8.96 -7.45
CA LEU A 227 -40.87 9.16 -6.42
C LEU A 227 -39.89 8.01 -6.54
N SER A 228 -38.74 8.33 -7.08
CA SER A 228 -37.67 7.35 -7.35
C SER A 228 -36.41 7.90 -6.74
N PHE A 229 -35.73 7.08 -5.94
CA PHE A 229 -34.50 7.49 -5.32
C PHE A 229 -33.73 6.27 -4.86
N VAL A 230 -32.45 6.50 -4.60
CA VAL A 230 -31.57 5.55 -3.97
C VAL A 230 -31.24 6.10 -2.60
N VAL A 231 -31.37 5.26 -1.56
CA VAL A 231 -30.93 5.58 -0.23
C VAL A 231 -29.87 4.57 0.17
N THR A 232 -28.80 5.06 0.79
CA THR A 232 -27.69 4.23 1.20
C THR A 232 -27.42 4.42 2.68
N ASP A 233 -26.90 3.38 3.32
CA ASP A 233 -26.35 3.45 4.67
C ASP A 233 -25.59 2.14 4.90
N ASP A 234 -24.49 2.21 5.64
CA ASP A 234 -23.73 1.03 6.07
C ASP A 234 -23.35 0.14 4.90
N GLY A 235 -23.05 0.75 3.77
CA GLY A 235 -22.62 -0.02 2.61
C GLY A 235 -23.72 -0.73 1.83
N TYR A 236 -24.97 -0.50 2.24
CA TYR A 236 -26.13 -1.03 1.54
C TYR A 236 -26.77 0.05 0.73
N SER A 237 -27.29 -0.30 -0.44
CA SER A 237 -27.92 0.64 -1.33
CA SER A 237 -27.92 0.65 -1.34
C SER A 237 -29.25 0.13 -1.81
N ARG A 238 -30.31 0.91 -1.58
CA ARG A 238 -31.69 0.54 -1.87
C ARG A 238 -32.33 1.53 -2.82
N GLN A 239 -32.86 0.99 -3.91
CA GLN A 239 -33.70 1.69 -4.85
C GLN A 239 -35.14 1.65 -4.40
N VAL A 240 -35.75 2.83 -4.28
CA VAL A 240 -37.14 2.98 -3.92
C VAL A 240 -37.92 3.53 -5.09
N ASN A 241 -39.05 2.88 -5.37
CA ASN A 241 -40.00 3.35 -6.37
C ASN A 241 -41.37 3.49 -5.73
N ASP A 242 -41.81 4.73 -5.64
CA ASP A 242 -43.03 5.07 -4.98
C ASP A 242 -43.68 6.24 -5.72
N THR A 243 -44.63 6.91 -5.05
CA THR A 243 -45.37 8.01 -5.66
C THR A 243 -45.35 9.21 -4.71
N ILE A 244 -45.10 10.40 -5.25
CA ILE A 244 -45.11 11.63 -4.43
C ILE A 244 -46.46 11.87 -3.84
N GLY A 245 -46.51 11.88 -2.52
CA GLY A 245 -47.76 12.15 -1.84
C GLY A 245 -48.34 10.92 -1.20
N GLN A 246 -47.83 9.76 -1.59
CA GLN A 246 -48.29 8.52 -1.01
C GLN A 246 -47.90 8.44 0.47
N GLY A 247 -48.91 8.23 1.32
CA GLY A 247 -48.71 8.19 2.76
C GLY A 247 -49.02 9.52 3.41
N SER B 1 -16.20 12.96 0.40
CA SER B 1 -17.21 13.02 1.47
C SER B 1 -16.83 12.14 2.66
N ASN B 2 -16.11 11.04 2.41
CA ASN B 2 -15.60 10.21 3.49
C ASN B 2 -14.13 9.90 3.27
N ALA B 3 -13.46 9.43 4.31
CA ALA B 3 -12.06 8.99 4.22
C ALA B 3 -12.01 7.61 3.58
N ASP B 4 -12.07 7.60 2.25
CA ASP B 4 -12.40 6.41 1.49
C ASP B 4 -11.93 6.60 0.07
N THR B 5 -11.04 5.74 -0.40
CA THR B 5 -10.55 5.85 -1.78
C THR B 5 -11.59 5.47 -2.82
N GLY B 6 -12.64 4.76 -2.40
CA GLY B 6 -13.51 4.05 -3.31
C GLY B 6 -12.77 2.86 -3.89
N TRP B 7 -13.46 2.10 -4.71
CA TRP B 7 -12.87 0.93 -5.35
C TRP B 7 -11.97 1.37 -6.51
N LEU B 8 -10.73 0.90 -6.45
CA LEU B 8 -9.68 1.23 -7.39
C LEU B 8 -9.33 0.05 -8.25
N THR B 9 -9.17 0.32 -9.53
CA THR B 9 -8.61 -0.65 -10.45
C THR B 9 -7.55 0.04 -11.31
N MSE B 10 -6.65 -0.76 -11.84
CA MSE B 10 -5.65 -0.29 -12.79
C MSE B 10 -5.92 -0.99 -14.09
O MSE B 10 -6.19 -2.19 -14.13
CB MSE B 10 -4.24 -0.57 -12.27
CG MSE B 10 -3.85 0.27 -11.06
SE MSE B 10 -3.64 2.17 -11.44
CE MSE B 10 -1.84 2.12 -12.19
H MSE B 10 -6.60 -1.60 -11.67
HA MSE B 10 -5.75 0.67 -12.90
HB2 MSE B 10 -4.18 -1.51 -12.02
HB3 MSE B 10 -3.60 -0.38 -12.98
HG2 MSE B 10 -4.54 0.18 -10.38
HG3 MSE B 10 -3.00 -0.05 -10.71
HE1 MSE B 10 -1.59 3.02 -12.45
HE2 MSE B 10 -1.24 1.76 -11.53
HE3 MSE B 10 -1.85 1.54 -12.98
N PRO B 11 -5.89 -0.24 -15.19
CA PRO B 11 -6.23 -0.83 -16.49
C PRO B 11 -5.39 -2.04 -16.85
N ASP B 12 -4.17 -2.11 -16.38
CA ASP B 12 -3.35 -3.24 -16.75
C ASP B 12 -3.49 -4.43 -15.82
N ASN B 13 -4.35 -4.32 -14.82
CA ASN B 13 -4.64 -5.43 -13.92
C ASN B 13 -6.14 -5.67 -13.89
N ASP B 14 -6.59 -6.70 -14.60
CA ASP B 14 -8.02 -6.94 -14.73
C ASP B 14 -8.58 -7.94 -13.72
N HIS B 15 -7.80 -8.30 -12.71
CA HIS B 15 -8.20 -9.35 -11.80
C HIS B 15 -8.17 -8.94 -10.33
N ALA B 16 -8.01 -7.64 -10.07
CA ALA B 16 -8.01 -7.13 -8.70
C ALA B 16 -8.72 -5.82 -8.59
N GLN B 17 -9.37 -5.63 -7.44
CA GLN B 17 -9.93 -4.36 -7.05
C GLN B 17 -9.50 -4.09 -5.62
N VAL B 18 -9.18 -2.83 -5.34
CA VAL B 18 -8.76 -2.50 -3.98
CA VAL B 18 -8.60 -2.40 -4.07
C VAL B 18 -9.40 -1.23 -3.48
N ARG B 19 -9.54 -1.17 -2.15
CA ARG B 19 -10.17 -0.05 -1.51
C ARG B 19 -9.53 0.19 -0.16
N ALA B 20 -9.27 1.45 0.17
CA ALA B 20 -8.81 1.80 1.48
C ALA B 20 -9.74 2.78 2.13
N THR B 21 -9.97 2.55 3.43
CA THR B 21 -10.74 3.45 4.25
C THR B 21 -9.94 3.73 5.53
N ALA B 22 -10.24 4.82 6.22
CA ALA B 22 -9.44 5.17 7.39
C ALA B 22 -10.24 5.99 8.41
N ASP B 23 -9.73 5.97 9.64
CA ASP B 23 -10.28 6.72 10.78
C ASP B 23 -9.07 7.31 11.51
N LYS B 24 -9.08 8.61 11.80
CA LYS B 24 -7.97 9.25 12.51
C LYS B 24 -8.37 9.74 13.92
N SER B 25 -7.58 9.46 14.96
CA SER B 25 -7.88 9.98 16.31
C SER B 25 -7.29 11.40 16.54
N SER B 26 -7.73 12.08 17.59
CA SER B 26 -7.20 13.43 17.87
C SER B 26 -5.69 13.46 18.14
N THR B 27 -5.15 12.34 18.61
CA THR B 27 -3.70 12.22 18.89
C THR B 27 -2.86 11.84 17.67
N GLY B 28 -3.52 11.61 16.52
CA GLY B 28 -2.78 11.29 15.32
C GLY B 28 -2.68 9.80 15.06
N ASP B 29 -3.37 8.98 15.86
CA ASP B 29 -3.40 7.55 15.56
C ASP B 29 -4.42 7.24 14.47
N VAL B 30 -3.95 6.54 13.44
CA VAL B 30 -4.76 6.21 12.27
C VAL B 30 -5.01 4.73 12.16
N LYS B 31 -6.25 4.38 11.90
CA LYS B 31 -6.59 3.02 11.52
C LYS B 31 -6.98 3.01 10.05
N ILE B 32 -6.48 2.04 9.31
CA ILE B 32 -6.72 1.85 7.90
C ILE B 32 -7.21 0.45 7.64
N LEU B 33 -8.20 0.30 6.77
CA LEU B 33 -8.59 -1.00 6.25
C LEU B 33 -8.27 -1.02 4.77
N LEU B 34 -7.47 -1.99 4.34
CA LEU B 34 -7.15 -2.17 2.93
C LEU B 34 -7.83 -3.44 2.44
N GLU B 35 -8.86 -3.29 1.61
CA GLU B 35 -9.60 -4.42 1.09
C GLU B 35 -9.09 -4.75 -0.29
N VAL B 36 -8.88 -6.05 -0.55
CA VAL B 36 -8.50 -6.54 -1.83
C VAL B 36 -9.46 -7.63 -2.25
N GLN B 37 -10.04 -7.45 -3.42
CA GLN B 37 -10.88 -8.46 -4.07
C GLN B 37 -10.14 -9.01 -5.27
N LEU B 38 -10.13 -10.33 -5.40
CA LEU B 38 -9.39 -11.01 -6.46
C LEU B 38 -10.25 -11.96 -7.28
N ALA B 39 -10.04 -11.96 -8.59
CA ALA B 39 -10.71 -12.88 -9.49
C ALA B 39 -10.27 -14.32 -9.28
N PRO B 40 -11.09 -15.28 -9.73
CA PRO B 40 -10.76 -16.70 -9.56
C PRO B 40 -9.39 -17.04 -10.12
N GLY B 41 -8.63 -17.81 -9.35
CA GLY B 41 -7.30 -18.26 -9.80
C GLY B 41 -6.16 -17.34 -9.42
N TRP B 42 -6.49 -16.18 -8.86
CA TRP B 42 -5.48 -15.22 -8.47
C TRP B 42 -5.41 -15.14 -6.98
N LYS B 43 -4.20 -15.01 -6.48
CA LYS B 43 -3.94 -14.91 -5.06
C LYS B 43 -3.12 -13.67 -4.78
N THR B 44 -3.13 -13.20 -3.53
CA THR B 44 -2.09 -12.26 -3.10
C THR B 44 -1.37 -12.96 -1.93
N TYR B 45 -0.33 -12.34 -1.42
CA TYR B 45 0.57 -13.04 -0.53
C TYR B 45 0.51 -12.57 0.91
N TRP B 46 0.91 -13.50 1.78
CA TRP B 46 1.13 -13.26 3.18
C TRP B 46 2.46 -12.57 3.36
N ARG B 47 2.79 -12.27 4.60
CA ARG B 47 4.03 -11.56 4.91
C ARG B 47 5.25 -12.40 4.58
N SER B 48 5.10 -13.72 4.64
CA SER B 48 6.11 -14.67 4.19
C SER B 48 5.54 -15.44 2.98
N PRO B 49 5.86 -14.99 1.77
CA PRO B 49 5.10 -15.42 0.60
C PRO B 49 5.40 -16.80 0.11
N GLY B 50 6.58 -17.32 0.43
CA GLY B 50 7.03 -18.57 -0.16
C GLY B 50 7.86 -18.29 -1.39
N GLU B 51 8.26 -19.37 -2.05
CA GLU B 51 9.03 -19.30 -3.28
C GLU B 51 8.42 -18.34 -4.32
N GLY B 52 9.21 -17.40 -4.84
CA GLY B 52 8.80 -16.61 -5.99
C GLY B 52 7.91 -15.39 -5.80
N GLY B 53 7.36 -15.23 -4.60
CA GLY B 53 6.39 -14.17 -4.32
C GLY B 53 6.96 -12.98 -3.59
N VAL B 54 6.11 -11.97 -3.43
CA VAL B 54 6.45 -10.71 -2.78
C VAL B 54 5.27 -10.28 -1.91
N ALA B 55 5.52 -9.92 -0.65
CA ALA B 55 4.45 -9.44 0.21
C ALA B 55 3.94 -8.09 -0.25
N PRO B 56 2.62 -7.90 -0.16
CA PRO B 56 2.12 -6.56 -0.43
C PRO B 56 2.68 -5.53 0.58
N GLU B 57 2.85 -4.29 0.14
CA GLU B 57 3.35 -3.26 1.04
C GLU B 57 2.87 -1.88 0.58
N ILE B 58 2.86 -0.92 1.49
CA ILE B 58 2.53 0.46 1.18
C ILE B 58 3.70 1.37 1.56
N ASN B 59 4.03 2.29 0.66
CA ASN B 59 4.99 3.35 0.94
C ASN B 59 4.20 4.63 1.06
N TRP B 60 4.23 5.21 2.25
CA TRP B 60 3.49 6.41 2.59
C TRP B 60 4.32 7.63 2.32
N THR B 61 3.67 8.68 1.84
CA THR B 61 4.33 9.97 1.66
C THR B 61 4.70 10.64 2.99
N GLN B 62 3.74 10.68 3.92
CA GLN B 62 3.96 11.32 5.20
C GLN B 62 4.96 10.56 6.05
N SER B 63 5.68 11.26 6.92
CA SER B 63 6.48 10.54 7.90
CA SER B 63 6.46 10.57 7.93
C SER B 63 5.45 9.93 8.84
N VAL B 64 5.57 8.63 9.04
CA VAL B 64 4.68 7.94 9.93
C VAL B 64 5.55 7.16 10.89
N SER B 65 4.96 6.80 12.03
CA SER B 65 5.66 6.01 13.02
C SER B 65 4.74 4.92 13.51
N ASP B 66 5.33 3.96 14.22
CA ASP B 66 4.60 2.86 14.85
C ASP B 66 3.65 2.18 13.90
N MSE B 67 4.09 1.98 12.67
CA MSE B 67 3.25 1.33 11.65
C MSE B 67 3.19 -0.16 11.94
O MSE B 67 4.22 -0.81 12.18
CB MSE B 67 3.80 1.59 10.25
CG MSE B 67 2.88 1.26 9.10
SE MSE B 67 2.96 -0.65 8.60
CE MSE B 67 4.86 -0.84 8.04
H MSE B 67 4.87 2.20 12.38
HA MSE B 67 2.35 1.70 11.70
HB2 MSE B 67 4.02 2.54 10.19
HB3 MSE B 67 4.61 1.07 10.14
HG2 MSE B 67 1.97 1.46 9.36
HG3 MSE B 67 3.13 1.78 8.32
HE1 MSE B 67 5.01 -1.75 7.76
HE2 MSE B 67 5.02 -0.24 7.29
HE3 MSE B 67 5.44 -0.61 8.78
N ILE B 68 1.97 -0.70 11.97
CA ILE B 68 1.78 -2.13 12.14
C ILE B 68 0.76 -2.59 11.13
N TRP B 69 1.17 -3.57 10.34
CA TRP B 69 0.33 -4.20 9.34
C TRP B 69 -0.13 -5.50 9.97
N HIS B 70 -1.42 -5.64 10.19
CA HIS B 70 -1.98 -6.84 10.80
C HIS B 70 -2.32 -7.81 9.67
N TRP B 71 -1.86 -9.05 9.80
CA TRP B 71 -2.04 -10.04 8.75
C TRP B 71 -3.13 -11.06 9.09
N PRO B 72 -4.23 -11.05 8.32
CA PRO B 72 -5.23 -12.10 8.54
C PRO B 72 -4.58 -13.46 8.35
N SER B 73 -5.15 -14.44 9.04
CA SER B 73 -4.64 -15.80 8.98
C SER B 73 -4.61 -16.26 7.52
N PRO B 74 -3.44 -16.77 7.05
CA PRO B 74 -3.33 -17.07 5.62
C PRO B 74 -3.77 -18.47 5.21
N SER B 75 -3.68 -18.75 3.92
CA SER B 75 -3.92 -20.07 3.38
C SER B 75 -2.71 -20.52 2.58
N ALA B 76 -2.64 -21.81 2.26
CA ALA B 76 -1.56 -22.33 1.44
C ALA B 76 -2.06 -22.73 0.09
N PHE B 77 -1.24 -22.54 -0.93
CA PHE B 77 -1.61 -22.89 -2.30
C PHE B 77 -0.44 -23.55 -2.95
N ASP B 78 -0.73 -24.52 -3.82
CA ASP B 78 0.31 -25.22 -4.57
C ASP B 78 0.05 -25.26 -6.07
N VAL B 79 -0.34 -24.12 -6.63
CA VAL B 79 -0.70 -24.02 -8.04
C VAL B 79 0.51 -24.02 -8.96
N ALA B 80 0.43 -24.83 -10.01
CA ALA B 80 1.47 -24.88 -11.04
C ALA B 80 2.85 -25.26 -10.48
N GLY B 81 2.88 -26.08 -9.43
CA GLY B 81 4.13 -26.57 -8.84
C GLY B 81 4.86 -25.57 -7.95
N ILE B 82 4.16 -24.52 -7.54
CA ILE B 82 4.76 -23.47 -6.71
C ILE B 82 4.00 -23.42 -5.38
N HIS B 83 4.71 -23.57 -4.26
CA HIS B 83 4.10 -23.41 -2.92
C HIS B 83 4.13 -21.97 -2.40
N THR B 84 2.96 -21.46 -2.04
CA THR B 84 2.84 -20.09 -1.59
C THR B 84 1.88 -19.98 -0.42
N GLN B 85 2.09 -18.94 0.37
CA GLN B 85 1.25 -18.62 1.51
C GLN B 85 0.60 -17.29 1.23
N GLY B 86 -0.72 -17.22 1.35
CA GLY B 86 -1.41 -16.02 0.96
C GLY B 86 -2.89 -16.12 1.05
N TYR B 87 -3.56 -15.41 0.14
CA TYR B 87 -4.98 -15.21 0.23
C TYR B 87 -5.66 -15.32 -1.13
N ASP B 88 -6.83 -15.94 -1.19
CA ASP B 88 -7.63 -15.87 -2.42
C ASP B 88 -9.01 -15.24 -2.15
N LYS B 89 -9.63 -14.79 -3.25
CA LYS B 89 -11.01 -14.24 -3.30
C LYS B 89 -11.13 -12.82 -2.72
N GLU B 90 -10.81 -12.69 -1.44
CA GLU B 90 -10.91 -11.41 -0.73
C GLU B 90 -10.09 -11.45 0.53
N VAL B 91 -9.45 -10.34 0.84
CA VAL B 91 -8.72 -10.20 2.11
C VAL B 91 -8.84 -8.74 2.53
N VAL B 92 -8.92 -8.51 3.83
CA VAL B 92 -8.98 -7.16 4.37
C VAL B 92 -7.89 -7.01 5.42
N PHE B 93 -6.93 -6.13 5.14
CA PHE B 93 -5.81 -5.88 6.02
C PHE B 93 -6.06 -4.71 6.94
N PRO B 94 -6.12 -4.92 8.26
CA PRO B 94 -6.12 -3.78 9.20
C PRO B 94 -4.71 -3.24 9.39
N ILE B 95 -4.53 -1.93 9.24
CA ILE B 95 -3.19 -1.32 9.35
C ILE B 95 -3.34 -0.16 10.35
N GLU B 96 -2.34 0.01 11.23
CA GLU B 96 -2.31 1.08 12.21
C GLU B 96 -1.06 1.87 12.02
N LEU B 97 -1.16 3.18 12.18
CA LEU B 97 0.05 4.00 12.19
C LEU B 97 -0.20 5.32 12.88
N LYS B 98 0.88 6.07 13.14
CA LYS B 98 0.77 7.40 13.74
C LYS B 98 1.26 8.42 12.73
N SER B 99 0.56 9.55 12.61
CA SER B 99 0.94 10.60 11.68
CA SER B 99 0.95 10.61 11.68
C SER B 99 0.45 11.95 12.20
N VAL B 100 1.33 12.61 12.95
CA VAL B 100 1.03 13.88 13.62
C VAL B 100 1.22 15.06 12.66
N ASP B 101 1.91 14.84 11.55
CA ASP B 101 2.31 15.94 10.68
C ASP B 101 1.24 16.44 9.70
N SER B 102 0.15 15.70 9.50
CA SER B 102 -0.79 16.06 8.43
C SER B 102 -2.17 15.43 8.55
N ASP B 103 -3.14 16.09 7.92
CA ASP B 103 -4.50 15.56 7.83
C ASP B 103 -4.70 14.73 6.55
N ASN B 104 -3.71 14.74 5.66
CA ASN B 104 -3.79 13.91 4.45
C ASN B 104 -2.89 12.72 4.65
N LEU B 105 -3.33 11.59 4.11
CA LEU B 105 -2.53 10.40 4.11
C LEU B 105 -2.52 9.90 2.66
N ASN B 106 -1.32 9.85 2.10
CA ASN B 106 -1.12 9.43 0.74
C ASN B 106 -0.09 8.32 0.69
N GLY B 107 -0.40 7.27 -0.02
CA GLY B 107 0.53 6.15 -0.15
C GLY B 107 0.41 5.45 -1.47
N VAL B 108 1.42 4.63 -1.77
CA VAL B 108 1.39 3.78 -2.95
C VAL B 108 1.45 2.33 -2.46
N LEU B 109 0.40 1.59 -2.78
CA LEU B 109 0.36 0.17 -2.53
C LEU B 109 0.98 -0.55 -3.68
N THR B 110 2.01 -1.34 -3.41
CA THR B 110 2.50 -2.27 -4.41
C THR B 110 1.88 -3.62 -4.09
N LEU B 111 0.85 -3.97 -4.86
CA LEU B 111 0.12 -5.22 -4.69
C LEU B 111 0.70 -6.29 -5.56
N SER B 112 1.05 -7.41 -4.93
CA SER B 112 1.46 -8.60 -5.63
CA SER B 112 1.45 -8.59 -5.66
C SER B 112 0.27 -9.51 -5.85
N THR B 113 0.09 -9.98 -7.06
CA THR B 113 -0.93 -10.98 -7.32
C THR B 113 -0.29 -12.08 -8.10
N CYS B 114 -0.81 -13.29 -7.98
CA CYS B 114 -0.20 -14.40 -8.68
CA CYS B 114 -0.20 -14.41 -8.65
C CYS B 114 -1.21 -15.45 -9.14
N SER B 115 -0.94 -15.94 -10.34
CA SER B 115 -1.67 -17.05 -10.91
C SER B 115 -0.65 -18.17 -11.05
N ASN B 116 0.01 -18.21 -12.19
CA ASN B 116 1.22 -19.02 -12.34
C ASN B 116 2.40 -18.09 -12.52
N VAL B 117 2.11 -16.79 -12.56
CA VAL B 117 3.09 -15.72 -12.62
C VAL B 117 2.74 -14.66 -11.58
N CYS B 118 3.73 -13.95 -11.06
CA CYS B 118 3.54 -12.91 -10.05
C CYS B 118 3.52 -11.55 -10.74
N ILE B 119 2.44 -10.82 -10.54
CA ILE B 119 2.31 -9.48 -11.09
C ILE B 119 2.39 -8.45 -9.98
N LEU B 120 3.16 -7.39 -10.16
CA LEU B 120 3.25 -6.25 -9.23
C LEU B 120 2.52 -5.07 -9.83
N THR B 121 1.54 -4.55 -9.09
CA THR B 121 0.71 -3.43 -9.54
C THR B 121 0.70 -2.36 -8.47
N ASP B 122 0.91 -1.10 -8.86
CA ASP B 122 0.83 0.03 -7.92
C ASP B 122 -0.55 0.67 -7.94
N TYR B 123 -1.07 0.88 -6.73
CA TYR B 123 -2.31 1.61 -6.51
C TYR B 123 -2.03 2.82 -5.66
N SER B 124 -2.44 3.99 -6.14
CA SER B 124 -2.29 5.19 -5.34
C SER B 124 -3.48 5.37 -4.40
N LEU B 125 -3.19 5.39 -3.10
CA LEU B 125 -4.20 5.54 -2.07
C LEU B 125 -4.15 6.97 -1.53
N ASN B 126 -5.22 7.72 -1.70
CA ASN B 126 -5.29 9.09 -1.23
C ASN B 126 -6.44 9.25 -0.27
N LEU B 127 -6.10 9.63 0.95
CA LEU B 127 -7.07 9.77 2.02
C LEU B 127 -7.02 11.13 2.66
N ASP B 128 -8.20 11.75 2.83
CA ASP B 128 -8.35 13.02 3.55
C ASP B 128 -8.95 12.72 4.93
N LEU B 129 -8.10 12.72 5.95
CA LEU B 129 -8.47 12.27 7.29
C LEU B 129 -9.23 13.35 8.06
N ASN B 130 -9.48 14.47 7.40
CA ASN B 130 -10.38 15.46 7.97
C ASN B 130 -11.83 15.18 7.53
N GLU B 131 -12.01 14.25 6.59
CA GLU B 131 -13.35 13.78 6.17
C GLU B 131 -13.79 12.66 7.10
N PRO B 132 -15.09 12.53 7.32
CA PRO B 132 -15.53 11.49 8.27
C PRO B 132 -15.23 10.07 7.80
N ALA B 133 -14.86 9.24 8.77
CA ALA B 133 -14.70 7.81 8.51
C ALA B 133 -15.98 7.29 7.91
N PRO B 134 -15.88 6.37 6.95
CA PRO B 134 -17.08 5.79 6.33
C PRO B 134 -17.96 5.02 7.31
N ALA B 135 -19.21 4.83 6.89
CA ALA B 135 -20.23 4.22 7.71
C ALA B 135 -19.73 2.88 8.23
N ASP B 136 -19.84 2.70 9.54
CA ASP B 136 -19.46 1.51 10.31
C ASP B 136 -17.98 1.14 10.22
N PHE B 137 -17.09 2.12 10.06
CA PHE B 137 -15.68 1.78 9.94
C PHE B 137 -15.12 1.03 11.15
N GLU B 138 -15.41 1.54 12.35
CA GLU B 138 -14.83 0.98 13.58
C GLU B 138 -15.28 -0.46 13.72
N TRP B 139 -16.53 -0.71 13.34
CA TRP B 139 -17.05 -2.06 13.33
C TRP B 139 -16.32 -2.95 12.31
N GLN B 140 -16.19 -2.47 11.08
CA GLN B 140 -15.50 -3.22 10.03
C GLN B 140 -14.05 -3.55 10.42
N TYR B 141 -13.42 -2.61 11.11
CA TYR B 141 -12.08 -2.84 11.60
C TYR B 141 -12.09 -3.98 12.60
N ASN B 142 -13.08 -3.97 13.50
N ASN B 142 -13.03 -3.95 13.54
CA ASN B 142 -13.18 -5.04 14.48
CA ASN B 142 -13.15 -5.07 14.49
C ASN B 142 -13.33 -6.40 13.82
C ASN B 142 -13.29 -6.42 13.79
N GLN B 143 -14.16 -6.49 12.78
CA GLN B 143 -14.37 -7.74 12.08
C GLN B 143 -13.14 -8.25 11.29
N ALA B 144 -12.41 -7.30 10.73
CA ALA B 144 -11.19 -7.66 10.02
C ALA B 144 -10.12 -8.18 10.99
N MSE B 145 -10.03 -7.51 12.14
CA MSE B 145 -9.09 -7.90 13.20
C MSE B 145 -9.39 -9.28 13.74
O MSE B 145 -8.49 -9.98 14.22
CB MSE B 145 -9.10 -6.92 14.35
CG MSE B 145 -8.30 -5.67 14.16
SE MSE B 145 -6.39 -5.98 13.90
CE MSE B 145 -5.96 -7.12 15.35
H MSE B 145 -10.51 -6.83 12.34
HA MSE B 145 -8.19 -7.90 12.83
HB2 MSE B 145 -10.02 -6.65 14.51
HB3 MSE B 145 -8.76 -7.37 15.13
HG2 MSE B 145 -8.63 -5.21 13.38
HG3 MSE B 145 -8.41 -5.11 14.94
HE1 MSE B 145 -5.01 -7.33 15.32
HE2 MSE B 145 -6.16 -6.66 16.19
HE3 MSE B 145 -6.49 -7.93 15.29
N ALA B 146 -10.66 -9.68 13.69
CA ALA B 146 -11.04 -10.99 14.20
C ALA B 146 -10.39 -12.12 13.42
N LYS B 147 -9.96 -11.85 12.19
CA LYS B 147 -9.30 -12.87 11.39
C LYS B 147 -7.79 -12.89 11.57
N VAL B 148 -7.25 -11.94 12.32
CA VAL B 148 -5.81 -11.88 12.57
C VAL B 148 -5.44 -12.81 13.72
N PRO B 149 -4.40 -13.63 13.56
CA PRO B 149 -4.05 -14.53 14.66
C PRO B 149 -3.72 -13.79 15.95
N VAL B 150 -4.10 -14.39 17.07
CA VAL B 150 -3.79 -13.81 18.37
C VAL B 150 -2.56 -14.50 18.94
N THR B 151 -1.96 -13.90 19.97
CA THR B 151 -0.69 -14.38 20.48
C THR B 151 -0.86 -15.21 21.74
N SER B 152 -2.10 -15.59 22.05
CA SER B 152 -2.39 -16.51 23.14
C SER B 152 -3.45 -17.52 22.73
N GLY B 153 -3.56 -18.60 23.50
CA GLY B 153 -4.55 -19.63 23.24
C GLY B 153 -4.13 -20.72 22.27
N LEU B 154 -5.10 -21.64 22.07
CA LEU B 154 -5.07 -22.79 21.18
C LEU B 154 -4.09 -23.85 21.62
N ILE B 155 -2.85 -23.48 21.88
CA ILE B 155 -1.86 -24.43 22.31
C ILE B 155 -1.48 -24.23 23.77
N SER B 156 -1.10 -25.32 24.42
CA SER B 156 -0.61 -25.28 25.81
C SER B 156 0.88 -25.56 25.88
N ALA B 157 1.50 -26.01 24.78
CA ALA B 157 2.93 -26.25 24.76
C ALA B 157 3.46 -26.24 23.36
N VAL B 158 4.65 -25.70 23.20
CA VAL B 158 5.35 -25.82 21.96
CA VAL B 158 5.41 -25.69 21.95
C VAL B 158 6.83 -26.05 22.24
N SER B 159 7.40 -27.01 21.52
CA SER B 159 8.82 -27.20 21.57
C SER B 159 9.32 -27.41 20.16
N SER B 160 10.61 -27.20 19.96
CA SER B 160 11.21 -27.27 18.65
C SER B 160 12.64 -27.77 18.74
N ASP B 161 13.07 -28.34 17.64
CA ASP B 161 14.41 -28.89 17.53
C ASP B 161 14.87 -28.77 16.09
N TYR B 162 16.17 -28.63 15.87
CA TYR B 162 16.69 -28.55 14.50
C TYR B 162 17.81 -29.55 14.33
N ARG B 163 17.65 -30.44 13.35
CA ARG B 163 18.67 -31.44 13.07
C ARG B 163 18.49 -32.00 11.66
N ASN B 164 19.58 -32.42 11.04
CA ASN B 164 19.52 -32.98 9.69
C ASN B 164 18.88 -32.01 8.71
N SER B 165 19.15 -30.72 8.88
CA SER B 165 18.58 -29.66 8.06
C SER B 165 17.05 -29.76 8.09
N GLN B 166 16.53 -30.18 9.23
CA GLN B 166 15.11 -30.36 9.40
C GLN B 166 14.65 -29.76 10.71
N LEU B 167 13.67 -28.87 10.62
CA LEU B 167 13.02 -28.30 11.79
C LEU B 167 11.86 -29.19 12.19
N THR B 168 11.82 -29.57 13.46
CA THR B 168 10.69 -30.31 14.02
CA THR B 168 10.70 -30.32 14.03
C THR B 168 10.02 -29.53 15.15
N LEU B 169 8.70 -29.51 15.11
CA LEU B 169 7.90 -28.88 16.14
C LEU B 169 7.02 -29.91 16.78
N SER B 170 6.77 -29.70 18.06
CA SER B 170 5.79 -30.45 18.82
CA SER B 170 5.80 -30.45 18.83
C SER B 170 4.84 -29.45 19.47
N LEU B 171 3.54 -29.61 19.22
CA LEU B 171 2.53 -28.67 19.68
CA LEU B 171 2.53 -28.66 19.68
C LEU B 171 1.43 -29.40 20.39
N GLN B 172 1.11 -28.98 21.60
CA GLN B 172 0.05 -29.60 22.37
C GLN B 172 -1.21 -28.72 22.31
N ARG B 173 -2.32 -29.31 21.93
CA ARG B 173 -3.59 -28.59 21.94
C ARG B 173 -4.03 -28.34 23.39
N GLU B 174 -4.48 -27.12 23.69
CA GLU B 174 -4.82 -26.75 25.08
C GLU B 174 -6.02 -27.52 25.58
N GLN B 175 -7.07 -27.53 24.78
CA GLN B 175 -8.28 -28.26 25.14
C GLN B 175 -8.73 -29.12 23.99
N GLY B 176 -8.89 -30.39 24.31
CA GLY B 176 -9.33 -31.36 23.34
C GLY B 176 -8.25 -31.78 22.35
N ASP B 177 -8.68 -32.37 21.27
CA ASP B 177 -7.75 -32.92 20.30
C ASP B 177 -7.64 -32.06 19.05
N TRP B 178 -6.56 -32.24 18.31
CA TRP B 178 -6.42 -31.62 17.00
C TRP B 178 -7.39 -32.25 16.02
N HIS B 179 -8.00 -31.43 15.15
CA HIS B 179 -8.94 -31.93 14.16
C HIS B 179 -8.46 -31.78 12.74
N GLN B 180 -8.24 -30.56 12.27
CA GLN B 180 -7.65 -30.34 10.95
C GLN B 180 -6.75 -29.12 10.98
N PRO B 181 -5.62 -29.27 11.66
CA PRO B 181 -4.72 -28.13 11.81
C PRO B 181 -3.97 -27.78 10.54
N ASN B 182 -3.55 -26.53 10.49
CA ASN B 182 -2.61 -26.03 9.51
C ASN B 182 -1.54 -25.24 10.19
N ILE B 183 -0.41 -25.13 9.52
CA ILE B 183 0.67 -24.28 10.00
CA ILE B 183 0.78 -24.40 9.98
C ILE B 183 1.30 -23.50 8.87
N TYR B 184 1.62 -22.24 9.17
CA TYR B 184 2.20 -21.31 8.22
C TYR B 184 3.40 -20.67 8.87
N LEU B 185 4.57 -20.85 8.27
CA LEU B 185 5.81 -20.41 8.91
C LEU B 185 6.47 -19.24 8.21
N ASP B 186 7.13 -18.43 9.03
CA ASP B 186 8.00 -17.35 8.59
C ASP B 186 9.47 -17.80 8.66
N PRO B 187 10.09 -18.00 7.51
CA PRO B 187 11.50 -18.39 7.56
C PRO B 187 12.39 -17.22 7.88
N PRO B 188 13.50 -17.46 8.57
CA PRO B 188 14.41 -16.32 8.71
C PRO B 188 15.04 -15.97 7.37
N GLN B 189 15.41 -14.71 7.20
CA GLN B 189 16.07 -14.28 5.99
C GLN B 189 17.34 -15.12 5.79
N GLY B 190 17.52 -15.63 4.58
CA GLY B 190 18.69 -16.44 4.25
C GLY B 190 18.45 -17.95 4.33
N MSE B 191 17.27 -18.34 4.80
CA MSE B 191 16.85 -19.73 4.76
C MSE B 191 15.49 -19.84 4.10
O MSE B 191 14.66 -18.88 4.18
CB MSE B 191 16.79 -20.36 6.17
CG MSE B 191 18.15 -20.76 6.79
SE MSE B 191 19.31 -19.27 7.28
CE MSE B 191 17.94 -18.22 8.15
H MSE B 191 16.69 -17.81 5.15
HA MSE B 191 17.49 -20.24 4.24
HB2 MSE B 191 16.38 -19.72 6.77
HB3 MSE B 191 16.25 -21.16 6.12
HG2 MSE B 191 17.98 -21.27 7.59
HG3 MSE B 191 18.63 -21.30 6.14
HE1 MSE B 191 18.35 -17.40 8.48
HE2 MSE B 191 17.25 -18.01 7.51
HE3 MSE B 191 17.57 -18.72 8.89
N LEU B 192 15.24 -21.01 3.50
CA LEU B 192 13.96 -21.39 2.92
C LEU B 192 13.38 -22.56 3.68
N TYR B 193 12.07 -22.51 3.92
CA TYR B 193 11.36 -23.62 4.53
C TYR B 193 10.56 -24.36 3.48
N GLY B 194 10.59 -25.68 3.53
CA GLY B 194 9.73 -26.48 2.68
C GLY B 194 8.30 -26.56 3.17
N ILE B 195 7.48 -27.36 2.51
CA ILE B 195 6.09 -27.53 2.90
C ILE B 195 6.03 -28.30 4.23
N PRO B 196 5.34 -27.74 5.23
CA PRO B 196 5.27 -28.45 6.52
C PRO B 196 4.51 -29.77 6.38
N GLN B 197 5.04 -30.80 7.02
CA GLN B 197 4.38 -32.08 7.11
C GLN B 197 3.84 -32.26 8.52
N LEU B 198 2.51 -32.38 8.62
CA LEU B 198 1.80 -32.41 9.90
C LEU B 198 1.25 -33.78 10.19
N THR B 199 1.45 -34.25 11.41
CA THR B 199 0.86 -35.48 11.88
C THR B 199 0.27 -35.23 13.25
N ALA B 200 -1.01 -35.54 13.45
CA ALA B 200 -1.64 -35.34 14.74
C ALA B 200 -2.22 -36.61 15.29
N LYS B 201 -2.07 -36.79 16.59
CA LYS B 201 -2.70 -37.89 17.30
C LYS B 201 -3.16 -37.35 18.64
N GLY B 202 -4.47 -37.37 18.89
CA GLY B 202 -5.00 -36.79 20.12
C GLY B 202 -4.63 -35.31 20.20
N ASP B 203 -4.09 -34.90 21.34
CA ASP B 203 -3.70 -33.50 21.52
C ASP B 203 -2.28 -33.18 21.09
N HIS B 204 -1.61 -34.13 20.43
CA HIS B 204 -0.24 -33.92 20.00
C HIS B 204 -0.16 -33.70 18.49
N LEU B 205 0.48 -32.60 18.11
CA LEU B 205 0.73 -32.28 16.71
C LEU B 205 2.23 -32.22 16.48
N SER B 206 2.69 -33.00 15.55
CA SER B 206 4.08 -33.01 15.13
CA SER B 206 4.08 -33.03 15.12
C SER B 206 4.20 -32.39 13.74
N VAL B 207 5.21 -31.55 13.58
CA VAL B 207 5.44 -30.86 12.34
C VAL B 207 6.89 -31.03 11.94
N THR B 208 7.13 -31.41 10.70
CA THR B 208 8.50 -31.37 10.19
CA THR B 208 8.48 -31.46 10.15
C THR B 208 8.58 -30.50 8.97
N VAL B 209 9.69 -29.77 8.89
CA VAL B 209 9.93 -28.78 7.84
C VAL B 209 11.37 -28.91 7.37
N ASP B 210 11.56 -29.15 6.07
CA ASP B 210 12.90 -29.13 5.48
C ASP B 210 13.42 -27.71 5.39
N VAL B 211 14.69 -27.51 5.74
CA VAL B 211 15.30 -26.19 5.70
C VAL B 211 16.45 -26.21 4.71
N THR B 212 16.52 -25.18 3.88
CA THR B 212 17.63 -25.00 2.97
C THR B 212 18.12 -23.56 2.95
N ASP B 213 19.28 -23.35 2.31
CA ASP B 213 19.67 -21.98 1.99
C ASP B 213 18.87 -21.52 0.77
N ASP B 214 19.16 -20.33 0.26
CA ASP B 214 18.33 -19.73 -0.79
C ASP B 214 18.37 -20.45 -2.16
N TRP B 215 19.31 -21.39 -2.34
CA TRP B 215 19.43 -22.17 -3.59
C TRP B 215 19.12 -23.65 -3.43
N GLY B 216 18.54 -24.05 -2.30
CA GLY B 216 18.07 -25.42 -2.13
C GLY B 216 19.11 -26.34 -1.54
N ASP B 217 20.24 -25.77 -1.14
CA ASP B 217 21.33 -26.49 -0.51
C ASP B 217 21.25 -26.43 1.03
N ALA B 218 22.12 -27.18 1.70
CA ALA B 218 22.14 -27.25 3.15
C ALA B 218 22.21 -25.89 3.84
N ALA B 219 21.27 -25.68 4.78
CA ALA B 219 21.16 -24.46 5.55
C ALA B 219 22.23 -24.39 6.66
N GLY B 220 22.57 -23.20 7.11
CA GLY B 220 23.40 -23.11 8.29
C GLY B 220 22.58 -23.54 9.51
N ASP B 221 23.13 -23.34 10.70
CA ASP B 221 22.46 -23.71 11.94
C ASP B 221 21.44 -22.63 12.31
N ILE B 222 20.17 -23.01 12.44
CA ILE B 222 19.17 -22.05 12.84
C ILE B 222 18.77 -22.23 14.30
N THR B 223 19.49 -23.10 15.02
CA THR B 223 19.28 -23.21 16.46
C THR B 223 19.45 -21.84 17.12
N GLY B 224 18.51 -21.47 17.99
CA GLY B 224 18.59 -20.21 18.69
C GLY B 224 17.96 -19.06 17.93
N LYS B 225 17.68 -19.28 16.66
CA LYS B 225 17.07 -18.28 15.82
C LYS B 225 15.57 -18.16 16.12
N ALA B 226 14.98 -17.07 15.64
CA ALA B 226 13.57 -16.81 15.89
C ALA B 226 12.70 -17.85 15.18
N LEU B 227 11.72 -18.34 15.92
CA LEU B 227 10.70 -19.23 15.40
C LEU B 227 9.36 -18.51 15.37
N SER B 228 8.87 -18.22 14.18
CA SER B 228 7.59 -17.52 14.05
C SER B 228 6.67 -18.31 13.14
N PHE B 229 5.45 -18.56 13.61
CA PHE B 229 4.48 -19.27 12.77
C PHE B 229 3.07 -19.06 13.28
N VAL B 230 2.12 -19.36 12.41
CA VAL B 230 0.70 -19.37 12.72
C VAL B 230 0.23 -20.81 12.68
N VAL B 231 -0.49 -21.25 13.71
CA VAL B 231 -1.14 -22.56 13.71
C VAL B 231 -2.62 -22.32 13.84
N THR B 232 -3.40 -23.05 13.06
CA THR B 232 -4.84 -22.90 13.04
C THR B 232 -5.52 -24.25 13.23
N ASP B 233 -6.70 -24.23 13.83
CA ASP B 233 -7.58 -25.40 13.88
C ASP B 233 -8.95 -24.93 14.36
N ASP B 234 -10.01 -25.54 13.82
CA ASP B 234 -11.37 -25.31 14.33
C ASP B 234 -11.79 -23.85 14.38
N GLY B 235 -11.31 -23.08 13.40
CA GLY B 235 -11.66 -21.67 13.32
C GLY B 235 -10.91 -20.74 14.26
N TYR B 236 -9.92 -21.28 14.95
CA TYR B 236 -9.01 -20.53 15.81
C TYR B 236 -7.65 -20.37 15.14
N SER B 237 -6.99 -19.24 15.41
CA SER B 237 -5.68 -18.95 14.83
CA SER B 237 -5.68 -18.98 14.84
C SER B 237 -4.74 -18.37 15.88
N ARG B 238 -3.55 -18.96 16.00
CA ARG B 238 -2.58 -18.58 17.00
C ARG B 238 -1.23 -18.26 16.35
N GLN B 239 -0.73 -17.08 16.65
CA GLN B 239 0.63 -16.68 16.33
C GLN B 239 1.58 -17.07 17.45
N VAL B 240 2.63 -17.80 17.07
CA VAL B 240 3.65 -18.24 17.98
C VAL B 240 4.92 -17.53 17.67
N ASN B 241 5.50 -16.92 18.70
CA ASN B 241 6.82 -16.32 18.61
C ASN B 241 7.71 -16.94 19.67
N ASP B 242 8.69 -17.68 19.20
CA ASP B 242 9.53 -18.42 20.11
C ASP B 242 10.95 -18.44 19.57
N THR B 243 11.73 -19.37 20.09
CA THR B 243 13.12 -19.51 19.72
C THR B 243 13.33 -20.97 19.37
N ILE B 244 14.01 -21.24 18.25
CA ILE B 244 14.29 -22.62 17.86
C ILE B 244 15.18 -23.30 18.91
N GLY B 245 14.65 -24.37 19.47
CA GLY B 245 15.26 -25.10 20.57
C GLY B 245 16.48 -25.92 20.23
N GLN B 246 17.26 -26.18 21.27
CA GLN B 246 18.50 -26.96 21.16
C GLN B 246 18.20 -28.41 20.83
N GLY B 247 17.44 -29.06 21.69
CA GLY B 247 17.11 -30.47 21.53
C GLY B 247 15.68 -30.74 21.94
N SER C 1 18.26 27.84 -15.27
CA SER C 1 17.71 26.92 -16.29
C SER C 1 17.35 25.55 -15.71
N ASN C 2 18.13 25.13 -14.71
CA ASN C 2 17.88 23.86 -14.04
C ASN C 2 17.85 24.00 -12.52
N ALA C 3 17.28 22.99 -11.86
CA ALA C 3 17.32 22.93 -10.42
C ALA C 3 18.71 22.37 -10.08
N ASP C 4 19.68 23.27 -10.00
CA ASP C 4 21.09 22.90 -10.01
C ASP C 4 21.88 24.06 -9.42
N THR C 5 22.57 23.85 -8.32
CA THR C 5 23.34 24.89 -7.66
C THR C 5 24.61 25.30 -8.37
N GLY C 6 25.05 24.46 -9.29
CA GLY C 6 26.42 24.56 -9.76
C GLY C 6 27.39 24.13 -8.67
N TRP C 7 28.68 24.19 -8.95
CA TRP C 7 29.69 23.85 -7.93
C TRP C 7 29.85 25.01 -6.97
N LEU C 8 29.64 24.73 -5.69
CA LEU C 8 29.74 25.67 -4.61
C LEU C 8 31.05 25.46 -3.87
N THR C 9 31.71 26.57 -3.62
CA THR C 9 32.90 26.63 -2.83
C THR C 9 32.77 27.75 -1.80
N MSE C 10 33.55 27.62 -0.74
CA MSE C 10 33.71 28.67 0.25
C MSE C 10 35.19 28.95 0.42
O MSE C 10 36.01 28.04 0.41
CB MSE C 10 33.05 28.27 1.57
CG MSE C 10 31.53 28.19 1.46
SE MSE C 10 30.70 29.96 1.15
CE MSE C 10 30.90 30.64 2.95
H MSE C 10 34.01 26.91 -0.57
HA MSE C 10 33.27 29.47 -0.06
HB2 MSE C 10 33.38 27.39 1.83
HB3 MSE C 10 33.27 28.92 2.25
HG2 MSE C 10 31.30 27.61 0.71
HG3 MSE C 10 31.17 27.82 2.28
HE1 MSE C 10 30.54 31.53 3.01
HE2 MSE C 10 30.43 30.05 3.57
HE3 MSE C 10 31.85 30.65 3.18
N PRO C 11 35.56 30.23 0.51
CA PRO C 11 36.96 30.59 0.43
C PRO C 11 37.80 29.99 1.56
N ASP C 12 37.19 29.71 2.70
CA ASP C 12 37.97 29.16 3.81
C ASP C 12 38.05 27.65 3.78
N ASN C 13 37.46 27.02 2.77
CA ASN C 13 37.62 25.58 2.59
C ASN C 13 38.15 25.35 1.18
N ASP C 14 39.47 25.12 1.05
CA ASP C 14 40.03 24.98 -0.28
C ASP C 14 40.13 23.53 -0.76
N HIS C 15 39.53 22.59 -0.03
CA HIS C 15 39.62 21.18 -0.37
C HIS C 15 38.29 20.48 -0.65
N ALA C 16 37.20 21.25 -0.73
CA ALA C 16 35.90 20.68 -1.02
C ALA C 16 35.09 21.55 -1.96
N GLN C 17 34.29 20.90 -2.77
CA GLN C 17 33.27 21.60 -3.54
C GLN C 17 32.04 20.71 -3.54
N VAL C 18 30.87 21.34 -3.55
CA VAL C 18 29.61 20.61 -3.48
CA VAL C 18 29.59 20.65 -3.44
C VAL C 18 28.63 21.10 -4.54
N ARG C 19 27.77 20.19 -4.97
CA ARG C 19 26.75 20.53 -5.95
C ARG C 19 25.49 19.77 -5.65
N ALA C 20 24.37 20.47 -5.70
CA ALA C 20 23.08 19.79 -5.57
C ALA C 20 22.21 20.02 -6.79
N THR C 21 21.53 18.95 -7.19
CA THR C 21 20.55 18.98 -8.28
C THR C 21 19.31 18.33 -7.77
N ALA C 22 18.17 18.70 -8.34
CA ALA C 22 16.93 18.25 -7.78
C ALA C 22 15.86 18.11 -8.82
N ASP C 23 14.93 17.23 -8.50
CA ASP C 23 13.75 16.99 -9.34
C ASP C 23 12.52 16.89 -8.45
N LYS C 24 11.53 17.71 -8.75
CA LYS C 24 10.26 17.69 -8.05
C LYS C 24 9.27 17.01 -8.96
N SER C 25 8.66 15.95 -8.43
CA SER C 25 7.66 15.20 -9.20
C SER C 25 6.28 15.86 -9.08
N SER C 26 5.36 15.42 -9.94
CA SER C 26 3.98 15.93 -9.94
C SER C 26 3.30 15.69 -8.60
N THR C 27 3.73 14.65 -7.89
CA THR C 27 3.15 14.32 -6.58
C THR C 27 3.73 15.16 -5.46
N GLY C 28 4.77 15.95 -5.76
CA GLY C 28 5.38 16.86 -4.81
C GLY C 28 6.60 16.30 -4.07
N ASP C 29 7.03 15.11 -4.48
CA ASP C 29 8.23 14.48 -3.92
C ASP C 29 9.46 15.05 -4.59
N VAL C 30 10.47 15.37 -3.80
CA VAL C 30 11.70 15.91 -4.35
C VAL C 30 12.82 14.90 -4.11
N LYS C 31 13.52 14.58 -5.20
CA LYS C 31 14.75 13.83 -5.15
C LYS C 31 15.90 14.77 -5.38
N ILE C 32 16.96 14.58 -4.58
CA ILE C 32 18.13 15.43 -4.65
C ILE C 32 19.37 14.55 -4.80
N LEU C 33 20.31 15.00 -5.62
CA LEU C 33 21.65 14.41 -5.60
C LEU C 33 22.59 15.46 -5.08
N LEU C 34 23.28 15.12 -4.00
CA LEU C 34 24.30 15.98 -3.41
C LEU C 34 25.65 15.39 -3.69
N GLU C 35 26.37 16.06 -4.57
CA GLU C 35 27.73 15.65 -4.91
C GLU C 35 28.74 16.37 -4.08
N VAL C 36 29.71 15.64 -3.53
CA VAL C 36 30.82 16.22 -2.81
C VAL C 36 32.11 15.74 -3.44
N GLN C 37 32.94 16.69 -3.85
CA GLN C 37 34.29 16.39 -4.33
C GLN C 37 35.32 16.92 -3.37
N LEU C 38 36.32 16.08 -3.08
CA LEU C 38 37.33 16.37 -2.09
C LEU C 38 38.71 16.30 -2.67
N ALA C 39 39.54 17.25 -2.31
CA ALA C 39 40.94 17.21 -2.70
C ALA C 39 41.67 16.06 -2.00
N PRO C 40 42.81 15.64 -2.55
CA PRO C 40 43.54 14.56 -1.93
C PRO C 40 43.87 14.80 -0.45
N GLY C 41 43.75 13.73 0.35
CA GLY C 41 44.09 13.81 1.75
C GLY C 41 42.92 14.19 2.65
N TRP C 42 41.79 14.53 2.05
CA TRP C 42 40.61 14.92 2.81
C TRP C 42 39.48 13.93 2.60
N LYS C 43 38.76 13.68 3.67
CA LYS C 43 37.64 12.75 3.64
C LYS C 43 36.40 13.45 4.16
N THR C 44 35.25 12.88 3.88
CA THR C 44 34.06 13.26 4.63
C THR C 44 33.56 12.00 5.31
N TYR C 45 32.51 12.14 6.09
CA TYR C 45 32.09 11.10 7.00
C TYR C 45 30.79 10.38 6.62
N TRP C 46 30.70 9.16 7.12
CA TRP C 46 29.50 8.32 7.04
C TRP C 46 28.54 8.71 8.15
N ARG C 47 27.38 8.05 8.18
CA ARG C 47 26.38 8.38 9.19
C ARG C 47 26.85 8.13 10.62
N SER C 48 27.73 7.13 10.79
CA SER C 48 28.43 6.86 12.04
C SER C 48 29.91 7.14 11.81
N PRO C 49 30.36 8.31 12.20
CA PRO C 49 31.66 8.76 11.71
C PRO C 49 32.88 8.16 12.41
N GLY C 50 32.65 7.66 13.61
CA GLY C 50 33.70 7.24 14.53
C GLY C 50 34.07 8.38 15.48
N GLU C 51 34.84 8.05 16.51
CA GLU C 51 35.27 9.03 17.49
C GLU C 51 35.94 10.24 16.83
N GLY C 52 35.54 11.43 17.25
CA GLY C 52 36.17 12.67 16.78
C GLY C 52 35.52 13.24 15.52
N GLY C 53 34.68 12.43 14.88
CA GLY C 53 34.05 12.83 13.62
C GLY C 53 32.62 13.31 13.78
N VAL C 54 32.07 13.83 12.69
CA VAL C 54 30.72 14.38 12.66
C VAL C 54 30.07 14.02 11.33
N ALA C 55 28.86 13.47 11.31
CA ALA C 55 28.21 13.14 10.06
C ALA C 55 27.80 14.41 9.31
N PRO C 56 27.96 14.42 7.98
CA PRO C 56 27.43 15.58 7.26
C PRO C 56 25.91 15.66 7.40
N GLU C 57 25.34 16.86 7.37
CA GLU C 57 23.89 17.02 7.48
C GLU C 57 23.40 18.25 6.76
N ILE C 58 22.11 18.27 6.43
CA ILE C 58 21.42 19.44 5.87
C ILE C 58 20.27 19.84 6.74
N ASN C 59 20.15 21.15 6.92
CA ASN C 59 18.98 21.74 7.56
C ASN C 59 18.26 22.63 6.55
N TRP C 60 17.00 22.31 6.27
CA TRP C 60 16.17 23.05 5.31
C TRP C 60 15.38 24.14 6.01
N THR C 61 15.28 25.30 5.38
CA THR C 61 14.48 26.39 5.92
C THR C 61 13.01 26.06 5.82
N GLN C 62 12.60 25.64 4.63
CA GLN C 62 11.21 25.30 4.38
C GLN C 62 10.77 24.05 5.14
N SER C 63 9.47 23.94 5.35
CA SER C 63 8.89 22.72 5.90
C SER C 63 8.87 21.56 4.89
N VAL C 64 9.37 20.41 5.33
CA VAL C 64 9.33 19.18 4.55
C VAL C 64 8.68 18.13 5.44
N SER C 65 8.20 17.03 4.88
CA SER C 65 7.44 16.09 5.68
C SER C 65 8.20 14.81 5.93
N ASP C 66 9.39 14.70 5.33
CA ASP C 66 10.24 13.52 5.51
C ASP C 66 11.56 13.67 4.75
N MSE C 67 12.73 13.67 5.41
CA MSE C 67 14.03 13.56 4.69
C MSE C 67 14.57 12.16 4.86
O MSE C 67 14.71 11.66 5.96
CB MSE C 67 15.11 14.56 5.17
CG MSE C 67 16.63 14.20 4.74
SE MSE C 67 17.76 15.88 4.40
CE MSE C 67 17.70 16.57 6.22
H MSE C 67 12.80 13.73 6.27
HA MSE C 67 13.86 13.72 3.75
HB2 MSE C 67 14.91 15.44 4.79
HB3 MSE C 67 15.08 14.62 6.13
HG2 MSE C 67 17.04 13.70 5.46
HG3 MSE C 67 16.62 13.68 3.94
HE1 MSE C 67 18.20 17.39 6.26
HE2 MSE C 67 16.77 16.74 6.46
HE3 MSE C 67 18.08 15.91 6.83
N ILE C 68 14.86 11.52 3.73
CA ILE C 68 15.55 10.25 3.70
C ILE C 68 16.89 10.51 3.02
N TRP C 69 17.94 10.31 3.77
CA TRP C 69 19.31 10.46 3.29
C TRP C 69 19.88 9.05 3.11
N HIS C 70 20.20 8.68 1.88
CA HIS C 70 20.77 7.38 1.57
C HIS C 70 22.28 7.43 1.55
N TRP C 71 22.92 6.48 2.24
CA TRP C 71 24.35 6.51 2.44
C TRP C 71 25.03 5.51 1.54
N PRO C 72 25.84 6.00 0.58
CA PRO C 72 26.66 5.06 -0.16
C PRO C 72 27.59 4.25 0.75
N SER C 73 27.96 3.05 0.30
CA SER C 73 28.79 2.18 1.10
C SER C 73 30.09 2.91 1.44
N PRO C 74 30.46 2.93 2.73
CA PRO C 74 31.61 3.73 3.14
C PRO C 74 32.93 3.00 3.07
N SER C 75 33.98 3.72 3.41
CA SER C 75 35.31 3.20 3.59
C SER C 75 35.84 3.54 4.96
N ALA C 76 36.94 2.90 5.35
CA ALA C 76 37.57 3.16 6.62
C ALA C 76 38.94 3.77 6.50
N PHE C 77 39.27 4.63 7.45
CA PHE C 77 40.51 5.38 7.51
C PHE C 77 40.90 5.60 8.98
N ASP C 78 42.14 5.93 9.30
CA ASP C 78 42.43 6.18 10.71
C ASP C 78 42.90 7.60 11.00
N VAL C 79 41.90 8.45 11.27
CA VAL C 79 42.10 9.87 11.59
C VAL C 79 42.62 9.95 13.02
N ALA C 80 43.65 10.76 13.22
CA ALA C 80 44.27 10.90 14.52
C ALA C 80 44.75 9.48 14.86
N GLY C 81 44.20 8.89 15.91
CA GLY C 81 44.47 7.51 16.26
C GLY C 81 43.16 6.75 16.28
N ILE C 82 42.16 7.32 15.60
CA ILE C 82 40.79 6.81 15.62
C ILE C 82 40.33 6.25 14.28
N HIS C 83 39.78 5.05 14.35
CA HIS C 83 39.15 4.42 13.22
C HIS C 83 37.95 5.25 12.79
N THR C 84 37.92 5.63 11.52
CA THR C 84 36.97 6.61 11.01
C THR C 84 36.29 6.02 9.78
N GLN C 85 35.00 6.31 9.65
CA GLN C 85 34.19 5.72 8.60
C GLN C 85 33.69 6.83 7.74
N GLY C 86 33.94 6.74 6.44
CA GLY C 86 33.57 7.81 5.56
C GLY C 86 33.95 7.61 4.10
N TYR C 87 34.29 8.71 3.44
CA TYR C 87 34.46 8.73 1.99
C TYR C 87 35.64 9.58 1.57
N ASP C 88 36.37 9.15 0.56
CA ASP C 88 37.35 10.05 -0.03
C ASP C 88 37.07 10.27 -1.51
N LYS C 89 37.69 11.32 -2.04
CA LYS C 89 37.67 11.70 -3.46
C LYS C 89 36.35 12.29 -3.91
N GLU C 90 35.28 11.49 -3.87
CA GLU C 90 33.99 11.96 -4.31
C GLU C 90 32.94 11.04 -3.74
N VAL C 91 31.81 11.63 -3.39
CA VAL C 91 30.67 10.85 -2.91
C VAL C 91 29.43 11.58 -3.39
N VAL C 92 28.42 10.81 -3.77
CA VAL C 92 27.17 11.39 -4.22
C VAL C 92 26.04 10.80 -3.36
N PHE C 93 25.40 11.68 -2.59
CA PHE C 93 24.30 11.29 -1.70
C PHE C 93 22.95 11.46 -2.37
N PRO C 94 22.22 10.34 -2.58
CA PRO C 94 20.80 10.47 -2.97
C PRO C 94 19.95 10.84 -1.75
N ILE C 95 19.15 11.88 -1.87
CA ILE C 95 18.31 12.40 -0.77
C ILE C 95 16.89 12.54 -1.26
N GLU C 96 15.93 12.13 -0.44
CA GLU C 96 14.53 12.30 -0.81
C GLU C 96 13.82 13.13 0.24
N LEU C 97 13.03 14.08 -0.26
CA LEU C 97 12.14 14.89 0.54
C LEU C 97 10.71 14.61 0.01
N LYS C 98 9.75 14.42 0.89
CA LYS C 98 8.38 14.18 0.41
C LYS C 98 7.45 15.34 0.71
N SER C 99 6.52 15.59 -0.23
CA SER C 99 5.48 16.61 -0.10
C SER C 99 6.08 17.98 0.28
N VAL C 100 7.03 18.43 -0.52
CA VAL C 100 7.55 19.78 -0.39
C VAL C 100 6.61 20.73 -1.11
N ASP C 101 5.91 21.57 -0.36
CA ASP C 101 4.88 22.41 -0.98
C ASP C 101 5.47 23.65 -1.66
N SER C 102 6.70 24.00 -1.32
CA SER C 102 7.29 25.23 -1.83
C SER C 102 7.98 24.98 -3.17
N ASP C 103 8.07 26.03 -3.97
CA ASP C 103 8.75 25.96 -5.25
C ASP C 103 10.23 26.33 -5.12
N ASN C 104 10.60 26.91 -3.98
CA ASN C 104 11.99 27.25 -3.70
C ASN C 104 12.40 26.60 -2.42
N LEU C 105 13.58 26.05 -2.43
CA LEU C 105 14.11 25.35 -1.31
C LEU C 105 15.45 25.95 -0.93
N ASN C 106 15.58 26.37 0.33
CA ASN C 106 16.82 26.92 0.87
C ASN C 106 17.28 25.99 1.99
N GLY C 107 18.53 25.60 1.96
CA GLY C 107 19.07 24.76 3.00
C GLY C 107 20.52 25.09 3.26
N VAL C 108 21.01 24.57 4.37
CA VAL C 108 22.40 24.69 4.69
C VAL C 108 22.95 23.30 4.89
N LEU C 109 23.95 22.97 4.09
CA LEU C 109 24.74 21.76 4.29
C LEU C 109 25.86 22.07 5.26
N THR C 110 25.93 21.37 6.39
CA THR C 110 27.09 21.48 7.25
C THR C 110 27.96 20.28 6.84
N LEU C 111 28.95 20.56 6.01
CA LEU C 111 29.82 19.52 5.50
C LEU C 111 30.96 19.35 6.48
N SER C 112 31.13 18.12 6.95
CA SER C 112 32.26 17.73 7.75
C SER C 112 33.34 17.12 6.88
N THR C 113 34.57 17.58 7.02
CA THR C 113 35.69 17.01 6.31
C THR C 113 36.82 16.78 7.28
N CYS C 114 37.71 15.88 6.94
CA CYS C 114 38.81 15.63 7.84
CA CYS C 114 38.77 15.54 7.84
C CYS C 114 40.08 15.21 7.15
N SER C 115 41.16 15.68 7.74
CA SER C 115 42.49 15.25 7.35
CA SER C 115 42.48 15.21 7.34
C SER C 115 43.08 14.60 8.60
N ASN C 116 43.69 15.41 9.46
CA ASN C 116 44.05 14.94 10.79
C ASN C 116 43.25 15.75 11.83
N VAL C 117 42.38 16.62 11.32
CA VAL C 117 41.47 17.40 12.14
CA VAL C 117 41.50 17.52 12.07
C VAL C 117 40.13 17.43 11.43
N CYS C 118 39.06 17.65 12.18
CA CYS C 118 37.72 17.69 11.64
C CYS C 118 37.28 19.16 11.42
N ILE C 119 36.94 19.50 10.20
CA ILE C 119 36.47 20.84 9.84
C ILE C 119 35.01 20.78 9.49
N LEU C 120 34.24 21.72 10.02
CA LEU C 120 32.84 21.87 9.65
C LEU C 120 32.66 23.13 8.84
N THR C 121 32.05 22.99 7.67
CA THR C 121 31.90 24.08 6.73
C THR C 121 30.45 24.13 6.29
N ASP C 122 29.83 25.32 6.38
CA ASP C 122 28.45 25.49 5.95
C ASP C 122 28.38 25.96 4.51
N TYR C 123 27.55 25.28 3.72
CA TYR C 123 27.26 25.68 2.36
C TYR C 123 25.77 25.96 2.23
N SER C 124 25.44 27.14 1.75
CA SER C 124 24.02 27.50 1.48
C SER C 124 23.57 26.98 0.13
N LEU C 125 22.54 26.14 0.16
CA LEU C 125 21.96 25.51 -1.03
C LEU C 125 20.67 26.22 -1.39
N ASN C 126 20.56 26.68 -2.62
CA ASN C 126 19.30 27.22 -3.13
C ASN C 126 18.85 26.41 -4.33
N LEU C 127 17.66 25.83 -4.26
CA LEU C 127 17.11 25.06 -5.38
C LEU C 127 15.75 25.64 -5.81
N ASP C 128 15.66 25.96 -7.10
CA ASP C 128 14.44 26.46 -7.71
C ASP C 128 13.73 25.27 -8.34
N LEU C 129 12.73 24.74 -7.65
CA LEU C 129 12.11 23.49 -8.07
C LEU C 129 11.11 23.68 -9.20
N ASN C 130 10.96 24.91 -9.65
CA ASN C 130 10.15 25.19 -10.83
C ASN C 130 10.95 24.98 -12.11
N GLU C 131 12.26 24.83 -11.98
CA GLU C 131 13.07 24.50 -13.15
C GLU C 131 13.11 22.99 -13.32
N PRO C 132 13.18 22.51 -14.57
CA PRO C 132 13.26 21.07 -14.81
C PRO C 132 14.59 20.48 -14.36
N ALA C 133 14.54 19.28 -13.78
CA ALA C 133 15.74 18.54 -13.48
C ALA C 133 16.56 18.33 -14.75
N PRO C 134 17.89 18.23 -14.63
CA PRO C 134 18.67 17.97 -15.84
C PRO C 134 18.16 16.71 -16.58
N ALA C 135 18.49 16.61 -17.86
CA ALA C 135 17.94 15.59 -18.75
C ALA C 135 18.07 14.17 -18.23
N ASP C 136 19.25 13.85 -17.71
CA ASP C 136 19.55 12.51 -17.23
C ASP C 136 19.47 12.34 -15.71
N PHE C 137 18.65 13.15 -15.05
CA PHE C 137 18.61 13.09 -13.59
C PHE C 137 18.19 11.73 -13.04
N GLU C 138 17.13 11.12 -13.58
CA GLU C 138 16.66 9.86 -13.02
C GLU C 138 17.71 8.75 -13.14
N TRP C 139 18.44 8.74 -14.25
CA TRP C 139 19.52 7.79 -14.45
C TRP C 139 20.64 8.06 -13.43
N GLN C 140 21.04 9.32 -13.33
CA GLN C 140 22.07 9.72 -12.37
C GLN C 140 21.68 9.30 -10.96
N TYR C 141 20.40 9.45 -10.63
CA TYR C 141 19.93 9.08 -9.31
C TYR C 141 20.04 7.58 -9.07
N ASN C 142 19.63 6.82 -10.07
CA ASN C 142 19.70 5.37 -9.98
C ASN C 142 21.14 4.90 -9.89
N GLN C 143 22.05 5.56 -10.61
CA GLN C 143 23.44 5.22 -10.50
C GLN C 143 24.00 5.46 -9.10
N ALA C 144 23.59 6.54 -8.49
CA ALA C 144 24.06 6.85 -7.17
C ALA C 144 23.47 5.87 -6.15
N MSE C 145 22.19 5.52 -6.32
CA MSE C 145 21.54 4.56 -5.42
C MSE C 145 22.22 3.17 -5.49
O MSE C 145 22.19 2.42 -4.51
CB MSE C 145 20.06 4.40 -5.75
CG MSE C 145 19.15 5.53 -5.26
SE MSE C 145 19.05 5.67 -3.32
CE MSE C 145 18.75 3.79 -2.88
H MSE C 145 21.68 5.82 -6.94
HA MSE C 145 21.60 4.90 -4.51
HB2 MSE C 145 19.96 4.36 -6.72
HB3 MSE C 145 19.74 3.59 -5.35
HG2 MSE C 145 19.49 6.38 -5.60
HG3 MSE C 145 18.25 5.38 -5.59
HE1 MSE C 145 18.67 3.70 -1.92
HE2 MSE C 145 17.93 3.49 -3.31
HE3 MSE C 145 19.50 3.27 -3.21
N ALA C 146 22.79 2.84 -6.63
CA ALA C 146 23.45 1.55 -6.81
C ALA C 146 24.60 1.32 -5.83
N LYS C 147 25.16 2.41 -5.29
CA LYS C 147 26.26 2.31 -4.35
C LYS C 147 25.79 2.20 -2.87
N VAL C 148 24.48 2.28 -2.65
CA VAL C 148 23.91 2.21 -1.29
C VAL C 148 23.75 0.72 -0.92
N PRO C 149 24.20 0.31 0.28
CA PRO C 149 24.04 -1.11 0.64
C PRO C 149 22.60 -1.56 0.60
N VAL C 150 22.41 -2.80 0.18
CA VAL C 150 21.08 -3.40 0.14
C VAL C 150 20.90 -4.26 1.39
N THR C 151 19.67 -4.65 1.70
CA THR C 151 19.36 -5.31 2.96
C THR C 151 19.17 -6.81 2.77
N SER C 152 19.59 -7.33 1.62
CA SER C 152 19.64 -8.77 1.40
C SER C 152 20.92 -9.18 0.68
N GLY C 153 21.22 -10.47 0.72
CA GLY C 153 22.38 -11.02 0.03
C GLY C 153 23.65 -10.99 0.86
N LEU C 154 24.70 -11.52 0.24
CA LEU C 154 26.08 -11.65 0.76
C LEU C 154 26.21 -12.61 1.93
N ILE C 155 25.46 -12.39 3.00
CA ILE C 155 25.48 -13.28 4.16
C ILE C 155 24.19 -14.02 4.29
N SER C 156 24.27 -15.24 4.82
CA SER C 156 23.07 -16.03 5.09
C SER C 156 22.78 -16.18 6.57
N ALA C 157 23.70 -15.76 7.43
CA ALA C 157 23.49 -15.87 8.87
C ALA C 157 24.36 -14.89 9.61
N VAL C 158 23.82 -14.36 10.71
CA VAL C 158 24.55 -13.50 11.61
C VAL C 158 24.20 -13.92 13.02
N SER C 159 25.22 -14.02 13.84
CA SER C 159 25.02 -14.17 15.26
C SER C 159 25.98 -13.23 15.97
N SER C 160 25.67 -12.92 17.23
CA SER C 160 26.49 -11.98 17.98
C SER C 160 26.44 -12.24 19.48
N ASP C 161 27.47 -11.75 20.15
CA ASP C 161 27.59 -11.88 21.59
C ASP C 161 28.32 -10.67 22.14
N TYR C 162 27.98 -10.26 23.35
CA TYR C 162 28.66 -9.13 23.99
C TYR C 162 29.02 -9.48 25.41
N ARG C 163 30.30 -9.39 25.74
CA ARG C 163 30.74 -9.63 27.12
C ARG C 163 32.14 -9.05 27.29
N ASN C 164 32.45 -8.68 28.53
CA ASN C 164 33.76 -8.12 28.82
C ASN C 164 34.08 -6.95 27.89
N SER C 165 33.06 -6.13 27.64
CA SER C 165 33.17 -4.92 26.84
C SER C 165 33.66 -5.15 25.41
N GLN C 166 33.32 -6.32 24.90
CA GLN C 166 33.71 -6.74 23.56
C GLN C 166 32.52 -7.33 22.83
N LEU C 167 32.23 -6.79 21.66
CA LEU C 167 31.22 -7.32 20.77
C LEU C 167 31.86 -8.31 19.82
N THR C 168 31.29 -9.50 19.70
CA THR C 168 31.76 -10.45 18.71
CA THR C 168 31.74 -10.50 18.74
C THR C 168 30.61 -10.80 17.78
N LEU C 169 30.94 -10.88 16.49
CA LEU C 169 30.02 -11.27 15.44
C LEU C 169 30.54 -12.49 14.74
N SER C 170 29.62 -13.33 14.32
CA SER C 170 29.93 -14.42 13.42
CA SER C 170 29.90 -14.46 13.44
C SER C 170 29.03 -14.30 12.20
N LEU C 171 29.65 -14.19 11.03
CA LEU C 171 28.95 -13.96 9.78
C LEU C 171 29.26 -15.04 8.74
N GLN C 172 28.21 -15.67 8.22
CA GLN C 172 28.36 -16.75 7.25
C GLN C 172 28.11 -16.19 5.86
N ARG C 173 29.09 -16.40 4.97
CA ARG C 173 28.94 -16.00 3.57
C ARG C 173 27.97 -16.94 2.83
N GLU C 174 27.06 -16.38 2.05
CA GLU C 174 25.98 -17.17 1.43
CA GLU C 174 26.00 -17.14 1.42
C GLU C 174 26.52 -18.05 0.29
N GLN C 175 27.43 -17.50 -0.49
CA GLN C 175 28.08 -18.22 -1.59
C GLN C 175 29.57 -17.97 -1.57
N GLY C 176 30.34 -19.05 -1.62
CA GLY C 176 31.78 -18.97 -1.67
C GLY C 176 32.38 -18.60 -0.32
N ASP C 177 33.64 -18.22 -0.34
CA ASP C 177 34.42 -17.88 0.84
C ASP C 177 34.65 -16.38 0.91
N TRP C 178 34.94 -15.88 2.12
CA TRP C 178 35.35 -14.51 2.31
C TRP C 178 36.71 -14.29 1.70
N HIS C 179 36.89 -13.14 1.07
CA HIS C 179 38.14 -12.80 0.42
C HIS C 179 38.84 -11.59 1.01
N GLN C 180 38.22 -10.41 0.93
CA GLN C 180 38.80 -9.21 1.53
C GLN C 180 37.67 -8.40 2.14
N PRO C 181 37.08 -8.93 3.21
CA PRO C 181 35.92 -8.27 3.81
C PRO C 181 36.28 -7.01 4.58
N ASN C 182 35.29 -6.15 4.70
CA ASN C 182 35.30 -5.00 5.60
C ASN C 182 33.99 -4.88 6.32
N ILE C 183 34.01 -4.22 7.47
CA ILE C 183 32.78 -3.99 8.22
C ILE C 183 32.77 -2.56 8.79
N TYR C 184 31.58 -1.96 8.73
CA TYR C 184 31.36 -0.59 9.17
C TYR C 184 30.13 -0.60 10.07
N LEU C 185 30.32 -0.24 11.33
CA LEU C 185 29.26 -0.40 12.32
C LEU C 185 28.68 0.92 12.82
N ASP C 186 27.41 0.90 13.19
CA ASP C 186 26.73 1.99 13.89
C ASP C 186 26.66 1.70 15.40
N PRO C 187 27.44 2.43 16.22
CA PRO C 187 27.36 2.16 17.67
C PRO C 187 26.11 2.69 18.31
N PRO C 188 25.68 2.05 19.40
CA PRO C 188 24.55 2.63 20.13
C PRO C 188 24.92 4.02 20.68
N GLN C 189 23.92 4.86 20.95
CA GLN C 189 24.16 6.18 21.51
C GLN C 189 25.04 6.13 22.78
N GLY C 190 26.07 6.94 22.86
CA GLY C 190 26.91 6.97 24.04
C GLY C 190 28.11 6.04 23.98
N MSE C 191 28.15 5.17 22.97
CA MSE C 191 29.16 4.09 22.90
C MSE C 191 30.13 4.33 21.75
O MSE C 191 29.76 4.90 20.73
CB MSE C 191 28.46 2.73 22.73
CG MSE C 191 27.48 2.38 23.83
SE MSE C 191 28.42 2.17 25.51
CE MSE C 191 26.90 1.91 26.71
H MSE C 191 27.61 5.19 22.30
HA MSE C 191 29.65 4.07 23.74
HB2 MSE C 191 27.96 2.73 21.90
HB3 MSE C 191 29.13 2.04 22.71
HG2 MSE C 191 26.84 3.10 23.93
HG3 MSE C 191 27.04 1.54 23.62
HE1 MSE C 191 27.23 1.78 27.62
HE2 MSE C 191 26.33 2.69 26.67
HE3 MSE C 191 26.40 1.12 26.43
N LEU C 192 31.40 3.94 21.95
CA LEU C 192 32.43 4.01 20.94
C LEU C 192 32.89 2.61 20.63
N TYR C 193 32.99 2.34 19.34
CA TYR C 193 33.54 1.09 18.86
C TYR C 193 34.96 1.27 18.37
N GLY C 194 35.81 0.35 18.76
CA GLY C 194 37.19 0.33 18.28
C GLY C 194 37.29 -0.24 16.89
N ILE C 195 38.52 -0.38 16.43
CA ILE C 195 38.76 -0.91 15.09
C ILE C 195 38.31 -2.37 15.04
N PRO C 196 37.42 -2.72 14.09
CA PRO C 196 36.99 -4.12 14.04
C PRO C 196 38.14 -5.05 13.69
N GLN C 197 38.27 -6.16 14.41
CA GLN C 197 39.26 -7.18 14.11
C GLN C 197 38.57 -8.34 13.47
N LEU C 198 38.94 -8.60 12.22
CA LEU C 198 38.29 -9.57 11.37
C LEU C 198 39.18 -10.76 11.15
N THR C 199 38.62 -11.95 11.29
CA THR C 199 39.32 -13.20 10.95
C THR C 199 38.39 -14.06 10.12
N ALA C 200 38.84 -14.49 8.95
CA ALA C 200 37.99 -15.29 8.09
C ALA C 200 38.62 -16.63 7.80
N LYS C 201 37.77 -17.65 7.77
CA LYS C 201 38.18 -19.00 7.36
C LYS C 201 37.04 -19.57 6.56
N GLY C 202 37.27 -19.84 5.28
CA GLY C 202 36.19 -20.34 4.44
C GLY C 202 35.05 -19.36 4.40
N ASP C 203 33.84 -19.86 4.64
CA ASP C 203 32.66 -18.99 4.59
C ASP C 203 32.34 -18.35 5.93
N HIS C 204 33.23 -18.49 6.91
CA HIS C 204 33.02 -17.95 8.25
C HIS C 204 33.85 -16.70 8.50
N LEU C 205 33.20 -15.62 8.90
CA LEU C 205 33.88 -14.38 9.28
C LEU C 205 33.61 -14.08 10.73
N SER C 206 34.67 -13.98 11.51
CA SER C 206 34.57 -13.55 12.90
CA SER C 206 34.56 -13.56 12.91
C SER C 206 35.00 -12.12 13.05
N VAL C 207 34.24 -11.33 13.82
CA VAL C 207 34.53 -9.93 14.02
C VAL C 207 34.54 -9.64 15.51
N THR C 208 35.57 -8.98 16.02
CA THR C 208 35.61 -8.56 17.42
CA THR C 208 35.56 -8.55 17.41
C THR C 208 35.76 -7.05 17.44
N VAL C 209 35.02 -6.38 18.31
CA VAL C 209 35.05 -4.93 18.47
C VAL C 209 35.13 -4.62 19.97
N ASP C 210 36.17 -3.88 20.40
CA ASP C 210 36.24 -3.35 21.76
C ASP C 210 35.26 -2.18 21.87
N VAL C 211 34.48 -2.16 22.94
CA VAL C 211 33.50 -1.10 23.16
C VAL C 211 33.86 -0.30 24.40
N THR C 212 33.72 1.01 24.29
CA THR C 212 33.90 1.89 25.45
C THR C 212 32.75 2.86 25.53
N ASP C 213 32.62 3.53 26.68
CA ASP C 213 31.71 4.66 26.76
C ASP C 213 32.36 5.89 26.17
N ASP C 214 31.64 7.01 26.24
CA ASP C 214 32.09 8.24 25.61
C ASP C 214 33.37 8.76 26.23
N TRP C 215 33.74 8.18 27.38
CA TRP C 215 34.92 8.63 28.12
C TRP C 215 36.08 7.65 28.04
N GLY C 216 35.95 6.61 27.22
CA GLY C 216 37.07 5.73 26.95
C GLY C 216 37.22 4.57 27.93
N ASP C 217 36.29 4.46 28.87
CA ASP C 217 36.33 3.37 29.83
C ASP C 217 35.54 2.18 29.27
N ALA C 218 35.83 0.98 29.80
CA ALA C 218 35.17 -0.24 29.34
C ALA C 218 33.65 -0.05 29.43
N ALA C 219 32.94 -0.32 28.32
CA ALA C 219 31.49 -0.08 28.27
C ALA C 219 30.71 -1.12 29.06
N GLY C 220 29.54 -0.70 29.52
CA GLY C 220 28.54 -1.55 30.16
C GLY C 220 27.86 -2.50 29.19
N ASP C 221 26.78 -3.13 29.66
CA ASP C 221 26.11 -4.16 28.85
C ASP C 221 25.22 -3.57 27.76
N ILE C 222 25.56 -3.81 26.49
CA ILE C 222 24.75 -3.35 25.37
C ILE C 222 23.97 -4.51 24.73
N THR C 223 23.94 -5.66 25.40
CA THR C 223 23.12 -6.80 24.95
C THR C 223 21.69 -6.33 24.74
N GLY C 224 21.10 -6.71 23.61
CA GLY C 224 19.73 -6.30 23.29
C GLY C 224 19.59 -5.00 22.51
N LYS C 225 20.64 -4.20 22.45
CA LYS C 225 20.62 -2.99 21.62
C LYS C 225 20.71 -3.37 20.15
N ALA C 226 20.40 -2.42 19.28
CA ALA C 226 20.41 -2.69 17.86
C ALA C 226 21.81 -2.94 17.35
N LEU C 227 21.90 -3.95 16.51
CA LEU C 227 23.11 -4.28 15.80
C LEU C 227 22.93 -3.84 14.36
N SER C 228 23.60 -2.77 13.98
CA SER C 228 23.47 -2.21 12.64
C SER C 228 24.88 -2.07 12.07
N PHE C 229 25.08 -2.62 10.88
CA PHE C 229 26.37 -2.52 10.22
C PHE C 229 26.25 -2.79 8.73
N VAL C 230 27.28 -2.38 8.01
CA VAL C 230 27.49 -2.74 6.61
C VAL C 230 28.68 -3.67 6.54
N VAL C 231 28.51 -4.77 5.86
CA VAL C 231 29.61 -5.68 5.58
C VAL C 231 29.78 -5.72 4.07
N THR C 232 31.03 -5.70 3.65
CA THR C 232 31.35 -5.69 2.23
C THR C 232 32.38 -6.78 1.90
N ASP C 233 32.31 -7.26 0.67
CA ASP C 233 33.35 -8.16 0.12
C ASP C 233 33.10 -8.24 -1.38
N ASP C 234 34.19 -8.32 -2.14
CA ASP C 234 34.14 -8.57 -3.59
C ASP C 234 33.21 -7.59 -4.30
N GLY C 235 33.19 -6.35 -3.80
CA GLY C 235 32.40 -5.29 -4.42
C GLY C 235 30.91 -5.33 -4.11
N TYR C 236 30.48 -6.24 -3.24
CA TYR C 236 29.12 -6.31 -2.75
CA TYR C 236 29.10 -6.27 -2.77
C TYR C 236 29.01 -5.66 -1.37
N SER C 237 27.88 -5.02 -1.08
CA SER C 237 27.65 -4.35 0.21
CA SER C 237 27.65 -4.35 0.20
C SER C 237 26.28 -4.67 0.78
N ARG C 238 26.27 -5.11 2.02
CA ARG C 238 25.06 -5.55 2.69
C ARG C 238 24.87 -4.81 4.00
N GLN C 239 23.69 -4.19 4.17
CA GLN C 239 23.25 -3.60 5.40
C GLN C 239 22.57 -4.66 6.25
N VAL C 240 23.02 -4.81 7.50
CA VAL C 240 22.44 -5.76 8.42
C VAL C 240 21.81 -5.02 9.56
N ASN C 241 20.57 -5.37 9.89
CA ASN C 241 19.86 -4.82 11.03
C ASN C 241 19.42 -5.97 11.90
N ASP C 242 20.05 -6.08 13.05
CA ASP C 242 19.80 -7.20 13.93
C ASP C 242 19.86 -6.70 15.37
N THR C 243 20.03 -7.65 16.30
CA THR C 243 20.07 -7.35 17.73
C THR C 243 21.31 -7.96 18.37
N ILE C 244 21.99 -7.18 19.20
CA ILE C 244 23.17 -7.67 19.90
C ILE C 244 22.82 -8.78 20.86
N GLY C 245 23.44 -9.94 20.64
CA GLY C 245 23.24 -11.12 21.47
C GLY C 245 22.46 -12.23 20.81
N GLN C 246 21.76 -11.91 19.72
CA GLN C 246 20.97 -12.89 18.99
C GLN C 246 21.87 -13.94 18.31
N GLY C 247 21.58 -15.23 18.51
CA GLY C 247 22.40 -16.27 17.90
C GLY C 247 22.38 -17.64 18.55
#